data_4FC6
#
_entry.id   4FC6
#
_cell.length_a   88.038
_cell.length_b   95.114
_cell.length_c   133.409
_cell.angle_alpha   90.00
_cell.angle_beta   90.00
_cell.angle_gamma   90.00
#
_symmetry.space_group_name_H-M   'P 21 21 21'
#
loop_
_entity.id
_entity.type
_entity.pdbx_description
1 polymer 'Peroxisomal 2,4-dienoyl-CoA reductase'
2 non-polymer 'NADP NICOTINAMIDE-ADENINE-DINUCLEOTIDE PHOSPHATE'
3 non-polymer 'HEXANOYL-COENZYME A'
4 water water
#
_entity_poly.entity_id   1
_entity_poly.type   'polypeptide(L)'
_entity_poly.pdbx_seq_one_letter_code
;AQPPPDVEGDDCLPAYRHLFCPDLLRDKVAFITGGGSGIGFRIAEIFMRHGCHTVIASRSLPRVLTAARKLAGATGRRCL
PLSMDVRAPPAVMAAVDQALKEFGRIDILINCAAGNFLCPAGALSFNAFKTVMDIDTSGTFNVSRVLYEKFFRDHGGVIV
NITATLGNRGQALQVHAGSAKAAVDAMTRHLAVEWGPQNIRVNSLAPGPISGTEGLRRLGGPQASLSTKVTASPLQRLGN
KTEIAHSVLYLASPLASYVTGAVLVADGGAWLTFPNG
;
_entity_poly.pdbx_strand_id   A,B,C,D
#
# COMPACT_ATOMS: atom_id res chain seq x y z
N PRO A 3 9.56 -14.29 -24.41
CA PRO A 3 8.20 -14.60 -23.85
C PRO A 3 7.64 -15.90 -24.44
N PRO A 4 7.08 -16.79 -23.60
CA PRO A 4 6.59 -18.08 -24.09
C PRO A 4 5.38 -17.88 -25.05
N PRO A 5 5.28 -18.73 -26.09
CA PRO A 5 4.21 -18.51 -27.08
C PRO A 5 2.79 -18.54 -26.49
N ASP A 6 1.88 -17.93 -27.23
CA ASP A 6 0.44 -17.87 -26.92
C ASP A 6 -0.35 -17.86 -28.24
N VAL A 7 -1.66 -18.08 -28.21
CA VAL A 7 -2.48 -17.84 -29.39
C VAL A 7 -3.61 -16.92 -28.97
N GLU A 8 -4.03 -16.13 -29.94
CA GLU A 8 -4.94 -15.01 -29.73
C GLU A 8 -6.33 -15.48 -29.32
N GLY A 9 -6.72 -16.65 -29.81
CA GLY A 9 -8.08 -17.11 -29.60
C GLY A 9 -8.22 -18.06 -28.42
N ASP A 10 -9.45 -18.52 -28.16
CA ASP A 10 -9.68 -19.52 -27.15
C ASP A 10 -9.41 -20.89 -27.73
N ASP A 11 -8.15 -21.08 -28.12
CA ASP A 11 -7.64 -22.34 -28.65
C ASP A 11 -6.35 -22.69 -27.93
N CYS A 12 -6.06 -23.96 -27.84
CA CYS A 12 -4.90 -24.48 -27.14
C CYS A 12 -3.62 -24.18 -27.91
N LEU A 13 -2.48 -24.35 -27.22
CA LEU A 13 -1.18 -24.03 -27.80
C LEU A 13 -0.83 -25.22 -28.72
N PRO A 14 -0.15 -24.94 -29.84
CA PRO A 14 0.19 -26.08 -30.70
C PRO A 14 1.42 -26.83 -30.15
N ALA A 15 2.22 -26.16 -29.32
CA ALA A 15 3.32 -26.83 -28.64
C ALA A 15 3.53 -26.14 -27.29
N TYR A 16 4.23 -26.80 -26.37
CA TYR A 16 4.45 -26.14 -25.10
C TYR A 16 5.74 -26.62 -24.45
N ARG A 17 6.58 -25.70 -24.07
CA ARG A 17 7.82 -26.02 -23.38
C ARG A 17 7.59 -25.99 -21.86
N HIS A 18 7.81 -27.11 -21.17
CA HIS A 18 7.69 -27.14 -19.68
C HIS A 18 8.82 -26.48 -18.94
N LEU A 19 8.51 -25.67 -17.93
CA LEU A 19 9.53 -25.07 -17.04
C LEU A 19 9.25 -25.52 -15.58
N PHE A 20 7.98 -25.75 -15.24
CA PHE A 20 7.60 -26.57 -14.06
C PHE A 20 7.63 -28.00 -14.50
N CYS A 21 7.81 -28.97 -13.59
CA CYS A 21 7.68 -30.40 -13.94
C CYS A 21 6.27 -30.72 -14.43
N PRO A 22 6.17 -31.61 -15.43
CA PRO A 22 4.86 -31.99 -15.95
C PRO A 22 3.96 -32.68 -14.94
N ASP A 23 4.50 -33.12 -13.80
CA ASP A 23 3.65 -33.75 -12.84
C ASP A 23 3.39 -32.77 -11.67
N LEU A 24 3.70 -31.48 -11.82
CA LEU A 24 3.52 -30.53 -10.68
C LEU A 24 2.15 -30.62 -10.00
N LEU A 25 1.10 -30.74 -10.79
CA LEU A 25 -0.27 -30.87 -10.27
C LEU A 25 -0.94 -32.27 -10.54
N ARG A 26 -0.13 -33.33 -10.67
CA ARG A 26 -0.64 -34.68 -11.09
C ARG A 26 -1.86 -35.08 -10.28
N ASP A 27 -2.89 -35.43 -11.02
CA ASP A 27 -4.20 -35.72 -10.49
C ASP A 27 -4.81 -34.70 -9.51
N LYS A 28 -4.40 -33.45 -9.50
CA LYS A 28 -5.25 -32.53 -8.79
C LYS A 28 -6.45 -32.10 -9.64
N VAL A 29 -7.41 -31.41 -9.05
CA VAL A 29 -8.56 -30.91 -9.77
C VAL A 29 -8.66 -29.41 -9.50
N ALA A 30 -8.72 -28.61 -10.56
CA ALA A 30 -8.96 -27.22 -10.33
C ALA A 30 -10.31 -26.79 -10.92
N PHE A 31 -11.03 -25.98 -10.14
CA PHE A 31 -12.29 -25.39 -10.51
C PHE A 31 -12.00 -23.92 -10.87
N ILE A 32 -12.32 -23.55 -12.11
CA ILE A 32 -11.89 -22.29 -12.67
C ILE A 32 -13.11 -21.56 -13.23
N THR A 33 -13.49 -20.45 -12.58
CA THR A 33 -14.59 -19.66 -13.09
C THR A 33 -14.11 -18.84 -14.28
N GLY A 34 -14.96 -18.71 -15.32
CA GLY A 34 -14.45 -18.02 -16.50
C GLY A 34 -13.39 -18.84 -17.26
N GLY A 35 -13.33 -20.15 -17.02
CA GLY A 35 -12.37 -21.04 -17.71
C GLY A 35 -12.66 -21.32 -19.20
N GLY A 36 -13.78 -20.81 -19.72
CA GLY A 36 -14.10 -21.03 -21.13
C GLY A 36 -13.55 -19.98 -22.09
N SER A 37 -12.95 -18.88 -21.60
CA SER A 37 -12.39 -17.89 -22.55
C SER A 37 -11.20 -17.16 -21.96
N GLY A 38 -10.44 -16.48 -22.81
CA GLY A 38 -9.45 -15.50 -22.38
C GLY A 38 -8.42 -16.08 -21.42
N ILE A 39 -8.16 -15.35 -20.35
CA ILE A 39 -7.13 -15.78 -19.37
C ILE A 39 -7.52 -17.10 -18.74
N GLY A 40 -8.76 -17.24 -18.28
CA GLY A 40 -9.13 -18.50 -17.58
C GLY A 40 -8.95 -19.75 -18.44
N PHE A 41 -9.18 -19.61 -19.74
CA PHE A 41 -9.04 -20.74 -20.68
C PHE A 41 -7.58 -21.16 -20.76
N ARG A 42 -6.67 -20.20 -20.86
CA ARG A 42 -5.25 -20.52 -20.89
C ARG A 42 -4.77 -21.09 -19.57
N ILE A 43 -5.32 -20.57 -18.47
CA ILE A 43 -5.05 -21.11 -17.14
C ILE A 43 -5.47 -22.58 -17.06
N ALA A 44 -6.70 -22.92 -17.53
CA ALA A 44 -7.11 -24.29 -17.55
C ALA A 44 -6.15 -25.14 -18.38
N GLU A 45 -5.76 -24.64 -19.55
CA GLU A 45 -4.85 -25.41 -20.40
C GLU A 45 -3.52 -25.72 -19.71
N ILE A 46 -2.92 -24.69 -19.14
CA ILE A 46 -1.59 -24.82 -18.58
C ILE A 46 -1.70 -25.76 -17.37
N PHE A 47 -2.72 -25.59 -16.55
CA PHE A 47 -2.90 -26.58 -15.46
C PHE A 47 -2.95 -28.02 -15.98
N MET A 48 -3.70 -28.24 -17.06
CA MET A 48 -3.91 -29.59 -17.54
C MET A 48 -2.63 -30.17 -18.14
N ARG A 49 -1.77 -29.31 -18.66
CA ARG A 49 -0.44 -29.73 -19.11
C ARG A 49 0.49 -29.98 -17.92
N HIS A 50 0.02 -29.76 -16.71
CA HIS A 50 0.80 -30.20 -15.53
C HIS A 50 0.09 -31.26 -14.73
N GLY A 51 -0.79 -32.05 -15.37
CA GLY A 51 -1.35 -33.29 -14.78
C GLY A 51 -2.66 -33.02 -14.07
N CYS A 52 -3.10 -31.76 -14.07
CA CYS A 52 -4.30 -31.38 -13.37
C CYS A 52 -5.58 -31.59 -14.27
N HIS A 53 -6.71 -32.03 -13.69
CA HIS A 53 -8.04 -31.98 -14.39
C HIS A 53 -8.69 -30.71 -13.99
N THR A 54 -9.66 -30.25 -14.80
CA THR A 54 -10.29 -28.94 -14.54
C THR A 54 -11.78 -29.04 -14.63
N VAL A 55 -12.42 -28.15 -13.89
CA VAL A 55 -13.82 -27.84 -14.05
C VAL A 55 -13.85 -26.37 -14.48
N ILE A 56 -14.51 -26.03 -15.59
CA ILE A 56 -14.56 -24.66 -16.03
C ILE A 56 -16.01 -24.29 -15.97
N ALA A 57 -16.26 -23.16 -15.28
CA ALA A 57 -17.64 -22.75 -15.04
C ALA A 57 -17.84 -21.29 -15.38
N SER A 58 -18.87 -21.04 -16.20
CA SER A 58 -19.30 -19.63 -16.45
C SER A 58 -20.75 -19.66 -16.87
N ARG A 59 -21.33 -18.50 -17.22
CA ARG A 59 -22.76 -18.50 -17.57
C ARG A 59 -23.11 -19.32 -18.82
N SER A 60 -22.28 -19.23 -19.85
CA SER A 60 -22.63 -19.74 -21.19
C SER A 60 -22.20 -21.19 -21.35
N LEU A 61 -23.17 -22.12 -21.29
CA LEU A 61 -22.88 -23.54 -21.53
C LEU A 61 -22.26 -23.73 -22.93
N PRO A 62 -22.81 -23.06 -23.96
CA PRO A 62 -22.08 -23.18 -25.24
C PRO A 62 -20.55 -22.85 -25.14
N ARG A 63 -20.21 -21.77 -24.47
CA ARG A 63 -18.84 -21.34 -24.36
C ARG A 63 -17.95 -22.40 -23.66
N VAL A 64 -18.39 -22.95 -22.55
CA VAL A 64 -17.59 -23.93 -21.79
C VAL A 64 -17.57 -25.31 -22.45
N LEU A 65 -18.66 -25.68 -23.17
CA LEU A 65 -18.66 -26.97 -23.91
C LEU A 65 -17.58 -26.97 -24.95
N THR A 66 -17.52 -25.90 -25.72
CA THR A 66 -16.58 -25.93 -26.77
C THR A 66 -15.11 -25.86 -26.22
N ALA A 67 -14.87 -25.05 -25.20
CA ALA A 67 -13.61 -25.05 -24.47
C ALA A 67 -13.18 -26.42 -23.94
N ALA A 68 -14.06 -27.11 -23.18
CA ALA A 68 -13.75 -28.40 -22.57
C ALA A 68 -13.32 -29.43 -23.65
N ARG A 69 -13.98 -29.44 -24.77
CA ARG A 69 -13.62 -30.30 -25.87
C ARG A 69 -12.18 -30.01 -26.34
N LYS A 70 -11.86 -28.76 -26.54
CA LYS A 70 -10.52 -28.33 -26.97
C LYS A 70 -9.44 -28.67 -25.94
N LEU A 71 -9.75 -28.40 -24.66
CA LEU A 71 -8.80 -28.60 -23.56
C LEU A 71 -8.51 -30.09 -23.33
N ALA A 72 -9.52 -30.91 -23.15
CA ALA A 72 -9.33 -32.35 -23.07
C ALA A 72 -8.57 -32.95 -24.31
N GLY A 73 -8.99 -32.56 -25.52
CA GLY A 73 -8.30 -32.99 -26.72
C GLY A 73 -6.79 -32.62 -26.72
N ALA A 74 -6.44 -31.37 -26.38
CA ALA A 74 -5.02 -30.88 -26.41
C ALA A 74 -4.11 -31.54 -25.35
N THR A 75 -4.68 -31.96 -24.22
CA THR A 75 -3.87 -32.30 -23.06
C THR A 75 -4.07 -33.73 -22.60
N GLY A 76 -5.18 -34.39 -22.96
CA GLY A 76 -5.36 -35.75 -22.45
C GLY A 76 -5.83 -35.77 -20.99
N ARG A 77 -5.98 -34.60 -20.34
CA ARG A 77 -6.68 -34.61 -19.03
C ARG A 77 -8.15 -34.36 -19.24
N ARG A 78 -8.90 -34.41 -18.17
CA ARG A 78 -10.33 -34.23 -18.20
C ARG A 78 -10.72 -32.78 -17.90
N CYS A 79 -11.74 -32.29 -18.58
CA CYS A 79 -12.26 -30.96 -18.38
C CYS A 79 -13.78 -31.10 -18.30
N LEU A 80 -14.35 -30.81 -17.14
CA LEU A 80 -15.80 -30.77 -17.00
C LEU A 80 -16.38 -29.32 -17.15
N PRO A 81 -17.24 -29.10 -18.18
CA PRO A 81 -17.81 -27.79 -18.45
C PRO A 81 -19.11 -27.65 -17.69
N LEU A 82 -19.29 -26.56 -16.92
CA LEU A 82 -20.54 -26.35 -16.18
C LEU A 82 -21.11 -24.94 -16.40
N SER A 83 -22.43 -24.81 -16.45
CA SER A 83 -23.09 -23.50 -16.61
C SER A 83 -23.38 -23.03 -15.20
N MET A 84 -22.95 -21.82 -14.83
CA MET A 84 -23.13 -21.35 -13.45
C MET A 84 -22.85 -19.84 -13.40
N ASP A 85 -23.81 -19.04 -12.91
CA ASP A 85 -23.60 -17.61 -12.61
C ASP A 85 -23.03 -17.48 -11.19
N VAL A 86 -21.85 -16.84 -11.11
CA VAL A 86 -21.23 -16.67 -9.77
C VAL A 86 -22.10 -15.88 -8.77
N ARG A 87 -23.10 -15.14 -9.24
CA ARG A 87 -24.01 -14.36 -8.35
C ARG A 87 -25.14 -15.20 -7.76
N ALA A 88 -25.18 -16.48 -8.12
CA ALA A 88 -26.39 -17.32 -7.84
C ALA A 88 -26.02 -18.52 -6.99
N PRO A 89 -26.12 -18.35 -5.65
CA PRO A 89 -25.81 -19.46 -4.73
C PRO A 89 -26.39 -20.87 -5.19
N PRO A 90 -27.69 -20.95 -5.55
CA PRO A 90 -28.15 -22.28 -5.90
C PRO A 90 -27.37 -22.85 -7.10
N ALA A 91 -27.07 -22.04 -8.09
CA ALA A 91 -26.32 -22.58 -9.23
C ALA A 91 -24.84 -22.90 -8.85
N VAL A 92 -24.25 -22.11 -7.95
CA VAL A 92 -22.85 -22.29 -7.53
C VAL A 92 -22.77 -23.61 -6.75
N MET A 93 -23.69 -23.76 -5.78
CA MET A 93 -23.80 -25.01 -5.05
C MET A 93 -23.94 -26.22 -5.94
N ALA A 94 -24.85 -26.16 -6.93
CA ALA A 94 -25.07 -27.25 -7.88
C ALA A 94 -23.78 -27.56 -8.64
N ALA A 95 -23.09 -26.52 -9.13
CA ALA A 95 -21.88 -26.76 -9.93
C ALA A 95 -20.78 -27.46 -9.10
N VAL A 96 -20.55 -27.00 -7.86
CA VAL A 96 -19.55 -27.62 -7.02
C VAL A 96 -19.91 -29.06 -6.65
N ASP A 97 -21.21 -29.35 -6.35
CA ASP A 97 -21.66 -30.75 -6.15
C ASP A 97 -21.36 -31.63 -7.39
N GLN A 98 -21.61 -31.11 -8.57
CA GLN A 98 -21.34 -31.84 -9.81
C GLN A 98 -19.85 -32.14 -9.95
N ALA A 99 -19.05 -31.09 -9.80
CA ALA A 99 -17.59 -31.22 -9.78
C ALA A 99 -17.17 -32.28 -8.77
N LEU A 100 -17.67 -32.23 -7.53
CA LEU A 100 -17.23 -33.26 -6.56
C LEU A 100 -17.73 -34.66 -6.97
N LYS A 101 -18.91 -34.73 -7.62
CA LYS A 101 -19.49 -36.02 -7.99
C LYS A 101 -18.59 -36.60 -9.11
N GLU A 102 -18.17 -35.74 -10.00
CA GLU A 102 -17.32 -36.11 -11.12
C GLU A 102 -15.91 -36.57 -10.70
N PHE A 103 -15.29 -35.87 -9.76
CA PHE A 103 -13.85 -36.05 -9.50
C PHE A 103 -13.56 -36.50 -8.10
N GLY A 104 -14.54 -36.37 -7.21
CA GLY A 104 -14.33 -36.67 -5.78
C GLY A 104 -13.43 -35.74 -5.00
N ARG A 105 -12.90 -34.72 -5.63
CA ARG A 105 -12.09 -33.72 -4.97
C ARG A 105 -12.05 -32.41 -5.75
N ILE A 106 -11.72 -31.34 -5.08
CA ILE A 106 -11.24 -30.11 -5.73
C ILE A 106 -10.02 -29.65 -4.89
N ASP A 107 -8.89 -29.38 -5.54
CA ASP A 107 -7.70 -28.93 -4.79
C ASP A 107 -7.48 -27.42 -4.89
N ILE A 108 -7.97 -26.83 -5.95
CA ILE A 108 -7.58 -25.51 -6.25
C ILE A 108 -8.82 -24.79 -6.77
N LEU A 109 -9.03 -23.55 -6.36
CA LEU A 109 -10.06 -22.69 -6.99
C LEU A 109 -9.42 -21.50 -7.65
N ILE A 110 -9.79 -21.19 -8.89
CA ILE A 110 -9.36 -19.97 -9.55
C ILE A 110 -10.60 -19.10 -9.85
N ASN A 111 -10.69 -17.92 -9.19
CA ASN A 111 -11.76 -16.94 -9.43
C ASN A 111 -11.31 -15.98 -10.50
N CYS A 112 -11.70 -16.29 -11.73
CA CYS A 112 -11.24 -15.57 -12.87
C CYS A 112 -12.44 -14.83 -13.50
N ALA A 113 -13.67 -15.24 -13.16
CA ALA A 113 -14.91 -14.64 -13.72
C ALA A 113 -14.99 -13.17 -13.33
N ALA A 114 -15.36 -12.35 -14.30
CA ALA A 114 -15.42 -10.89 -14.11
C ALA A 114 -16.19 -10.25 -15.24
N GLY A 115 -16.52 -8.97 -15.06
CA GLY A 115 -17.15 -8.14 -16.09
C GLY A 115 -16.54 -6.76 -16.11
N ASN A 116 -16.40 -6.19 -17.29
CA ASN A 116 -15.81 -4.85 -17.41
C ASN A 116 -16.11 -4.19 -18.74
N PHE A 117 -15.87 -2.88 -18.77
CA PHE A 117 -16.18 -2.02 -19.93
C PHE A 117 -15.68 -0.64 -19.53
N LEU A 118 -15.40 0.21 -20.51
CA LEU A 118 -14.98 1.60 -20.22
C LEU A 118 -16.23 2.45 -20.01
N CYS A 119 -16.28 3.26 -18.95
CA CYS A 119 -17.41 4.19 -18.82
C CYS A 119 -17.01 5.30 -17.84
N PRO A 120 -17.25 6.59 -18.21
CA PRO A 120 -16.98 7.63 -17.22
C PRO A 120 -17.89 7.47 -16.00
N ALA A 121 -17.32 7.76 -14.83
CA ALA A 121 -18.03 7.67 -13.58
C ALA A 121 -19.33 8.45 -13.56
N GLY A 122 -19.31 9.65 -14.14
CA GLY A 122 -20.51 10.51 -14.12
C GLY A 122 -21.60 10.00 -15.03
N ALA A 123 -21.29 9.04 -15.87
CA ALA A 123 -22.27 8.53 -16.85
C ALA A 123 -22.69 7.10 -16.49
N LEU A 124 -21.93 6.42 -15.62
CA LEU A 124 -22.20 5.05 -15.22
C LEU A 124 -23.43 4.98 -14.38
N SER A 125 -24.34 4.07 -14.72
CA SER A 125 -25.59 4.03 -13.97
C SER A 125 -25.37 3.27 -12.65
N PHE A 126 -26.33 3.42 -11.76
CA PHE A 126 -26.25 2.72 -10.47
C PHE A 126 -26.16 1.22 -10.66
N ASN A 127 -27.01 0.70 -11.56
CA ASN A 127 -27.04 -0.75 -11.81
C ASN A 127 -25.74 -1.25 -12.50
N ALA A 128 -25.15 -0.46 -13.40
CA ALA A 128 -23.87 -0.83 -14.02
C ALA A 128 -22.75 -0.93 -12.95
N PHE A 129 -22.69 0.02 -12.03
CA PHE A 129 -21.70 -0.06 -10.96
C PHE A 129 -21.93 -1.32 -10.11
N LYS A 130 -23.17 -1.50 -9.66
CA LYS A 130 -23.49 -2.64 -8.81
C LYS A 130 -23.31 -4.03 -9.48
N THR A 131 -23.61 -4.13 -10.77
CA THR A 131 -23.41 -5.39 -11.50
C THR A 131 -21.90 -5.81 -11.48
N VAL A 132 -21.00 -4.86 -11.73
CA VAL A 132 -19.56 -5.15 -11.69
C VAL A 132 -19.18 -5.62 -10.29
N MET A 133 -19.59 -4.87 -9.24
CA MET A 133 -19.42 -5.31 -7.83
CA MET A 133 -19.37 -5.32 -7.85
C MET A 133 -19.94 -6.71 -7.58
N ASP A 134 -21.13 -7.02 -8.13
CA ASP A 134 -21.76 -8.32 -7.89
C ASP A 134 -20.96 -9.47 -8.50
N ILE A 135 -20.48 -9.28 -9.75
CA ILE A 135 -19.83 -10.35 -10.49
CA ILE A 135 -19.84 -10.36 -10.49
C ILE A 135 -18.47 -10.56 -9.87
N ASP A 136 -17.71 -9.49 -9.80
CA ASP A 136 -16.30 -9.58 -9.41
C ASP A 136 -16.13 -9.87 -7.93
N THR A 137 -16.77 -9.07 -7.09
CA THR A 137 -16.55 -9.16 -5.62
C THR A 137 -17.49 -10.16 -4.97
N SER A 138 -18.80 -9.88 -4.97
CA SER A 138 -19.71 -10.86 -4.29
C SER A 138 -19.66 -12.28 -4.88
N GLY A 139 -19.45 -12.36 -6.18
CA GLY A 139 -19.34 -13.62 -6.94
C GLY A 139 -18.11 -14.41 -6.53
N THR A 140 -16.96 -13.73 -6.45
CA THR A 140 -15.76 -14.37 -5.94
C THR A 140 -15.95 -14.86 -4.50
N PHE A 141 -16.57 -14.01 -3.68
CA PHE A 141 -16.84 -14.47 -2.31
C PHE A 141 -17.73 -15.71 -2.34
N ASN A 142 -18.77 -15.67 -3.18
CA ASN A 142 -19.75 -16.75 -3.25
C ASN A 142 -19.10 -18.09 -3.59
N VAL A 143 -18.29 -18.14 -4.67
CA VAL A 143 -17.68 -19.42 -5.06
C VAL A 143 -16.69 -19.83 -3.98
N SER A 144 -15.96 -18.85 -3.42
CA SER A 144 -15.01 -19.19 -2.35
C SER A 144 -15.67 -19.82 -1.12
N ARG A 145 -16.74 -19.19 -0.60
CA ARG A 145 -17.42 -19.77 0.58
C ARG A 145 -18.10 -21.13 0.29
N VAL A 146 -18.65 -21.28 -0.91
CA VAL A 146 -19.26 -22.53 -1.32
C VAL A 146 -18.19 -23.61 -1.36
N LEU A 147 -17.04 -23.33 -1.95
CA LEU A 147 -15.89 -24.20 -1.94
C LEU A 147 -15.43 -24.58 -0.53
N TYR A 148 -15.39 -23.61 0.37
CA TYR A 148 -15.04 -23.81 1.74
C TYR A 148 -15.99 -24.83 2.37
N GLU A 149 -17.27 -24.56 2.29
CA GLU A 149 -18.25 -25.35 3.04
C GLU A 149 -18.25 -26.77 2.46
N LYS A 150 -18.15 -26.90 1.12
CA LYS A 150 -18.29 -28.22 0.48
C LYS A 150 -17.02 -29.06 0.51
N PHE A 151 -15.85 -28.46 0.52
CA PHE A 151 -14.63 -29.24 0.44
C PHE A 151 -13.39 -28.71 1.13
N PHE A 152 -13.09 -27.44 0.94
CA PHE A 152 -11.81 -26.91 1.47
C PHE A 152 -11.75 -26.89 3.04
N ARG A 153 -12.89 -26.60 3.68
CA ARG A 153 -12.87 -26.53 5.18
C ARG A 153 -12.28 -27.82 5.76
N ASP A 154 -12.74 -28.96 5.26
CA ASP A 154 -12.34 -30.28 5.77
C ASP A 154 -11.09 -30.86 5.11
N HIS A 155 -10.73 -30.43 3.92
CA HIS A 155 -9.56 -31.02 3.23
C HIS A 155 -8.41 -30.09 2.91
N GLY A 156 -8.53 -28.79 3.18
CA GLY A 156 -7.48 -27.87 2.69
C GLY A 156 -7.75 -27.48 1.24
N GLY A 157 -6.98 -26.56 0.73
CA GLY A 157 -7.12 -26.16 -0.67
C GLY A 157 -6.26 -24.95 -0.94
N VAL A 158 -6.37 -24.46 -2.17
CA VAL A 158 -5.70 -23.25 -2.57
C VAL A 158 -6.63 -22.39 -3.44
N ILE A 159 -6.63 -21.09 -3.19
CA ILE A 159 -7.46 -20.19 -3.95
C ILE A 159 -6.54 -19.16 -4.59
N VAL A 160 -6.71 -18.93 -5.89
CA VAL A 160 -6.12 -17.76 -6.56
C VAL A 160 -7.20 -16.85 -7.09
N ASN A 161 -7.21 -15.57 -6.71
CA ASN A 161 -8.16 -14.63 -7.22
C ASN A 161 -7.49 -13.74 -8.31
N ILE A 162 -8.10 -13.66 -9.50
CA ILE A 162 -7.54 -12.82 -10.54
C ILE A 162 -8.06 -11.40 -10.35
N THR A 163 -7.19 -10.48 -10.04
CA THR A 163 -7.58 -9.12 -9.75
C THR A 163 -7.08 -8.09 -10.76
N ALA A 164 -6.57 -6.92 -10.33
CA ALA A 164 -6.19 -5.87 -11.30
C ALA A 164 -5.36 -4.89 -10.53
N THR A 165 -4.73 -3.94 -11.23
CA THR A 165 -4.05 -2.83 -10.61
C THR A 165 -4.88 -1.51 -10.74
N LEU A 166 -6.04 -1.59 -11.39
CA LEU A 166 -6.86 -0.40 -11.69
C LEU A 166 -7.10 0.51 -10.50
N GLY A 167 -7.41 -0.07 -9.34
CA GLY A 167 -7.67 0.71 -8.19
C GLY A 167 -6.46 1.42 -7.55
N ASN A 168 -5.21 1.03 -7.90
CA ASN A 168 -4.03 1.65 -7.24
C ASN A 168 -3.96 3.16 -7.50
N ARG A 169 -4.11 3.54 -8.76
CA ARG A 169 -4.07 4.96 -9.13
C ARG A 169 -5.43 5.48 -9.54
N GLY A 170 -6.47 4.67 -9.48
CA GLY A 170 -7.81 5.18 -9.71
C GLY A 170 -7.97 5.42 -11.20
N GLN A 171 -7.63 4.40 -11.97
CA GLN A 171 -7.67 4.50 -13.45
C GLN A 171 -9.01 5.11 -14.00
N ALA A 172 -8.92 6.14 -14.84
CA ALA A 172 -10.12 6.79 -15.44
C ALA A 172 -10.94 5.75 -16.22
N LEU A 173 -12.29 5.93 -16.22
CA LEU A 173 -13.24 5.11 -16.96
C LEU A 173 -13.47 3.71 -16.33
N GLN A 174 -12.90 3.51 -15.12
CA GLN A 174 -12.87 2.21 -14.52
C GLN A 174 -13.27 2.20 -13.06
N VAL A 175 -14.06 3.16 -12.61
CA VAL A 175 -14.40 3.20 -11.21
C VAL A 175 -14.99 1.87 -10.69
N HIS A 176 -15.92 1.32 -11.45
CA HIS A 176 -16.54 0.05 -11.12
C HIS A 176 -15.51 -1.10 -11.00
N ALA A 177 -14.68 -1.31 -12.03
CA ALA A 177 -13.77 -2.44 -12.00
C ALA A 177 -12.66 -2.25 -10.99
N GLY A 178 -12.17 -1.02 -10.86
CA GLY A 178 -11.11 -0.71 -9.86
C GLY A 178 -11.59 -0.98 -8.44
N SER A 179 -12.80 -0.50 -8.14
CA SER A 179 -13.41 -0.71 -6.83
C SER A 179 -13.64 -2.19 -6.55
N ALA A 180 -14.25 -2.88 -7.48
CA ALA A 180 -14.50 -4.32 -7.30
C ALA A 180 -13.23 -5.16 -7.04
N LYS A 181 -12.18 -4.91 -7.82
CA LYS A 181 -10.95 -5.70 -7.72
C LYS A 181 -10.13 -5.36 -6.44
N ALA A 182 -10.20 -4.09 -6.00
CA ALA A 182 -9.56 -3.71 -4.72
C ALA A 182 -10.28 -4.39 -3.57
N ALA A 183 -11.58 -4.50 -3.66
CA ALA A 183 -12.30 -5.31 -2.65
C ALA A 183 -11.83 -6.81 -2.60
N VAL A 184 -11.67 -7.43 -3.77
CA VAL A 184 -11.19 -8.81 -3.83
C VAL A 184 -9.81 -8.91 -3.24
N ASP A 185 -8.93 -7.98 -3.53
CA ASP A 185 -7.58 -8.04 -2.85
C ASP A 185 -7.66 -8.01 -1.30
N ALA A 186 -8.53 -7.15 -0.76
CA ALA A 186 -8.76 -7.12 0.70
C ALA A 186 -9.29 -8.51 1.12
N MET A 187 -10.28 -9.02 0.37
CA MET A 187 -10.86 -10.33 0.62
C MET A 187 -9.81 -11.42 0.69
N THR A 188 -8.87 -11.39 -0.25
CA THR A 188 -7.74 -12.31 -0.20
C THR A 188 -7.07 -12.35 1.23
N ARG A 189 -6.76 -11.19 1.79
CA ARG A 189 -6.12 -11.08 3.11
C ARG A 189 -7.07 -11.64 4.19
N HIS A 190 -8.33 -11.26 4.13
CA HIS A 190 -9.32 -11.73 5.12
C HIS A 190 -9.42 -13.22 5.11
N LEU A 191 -9.53 -13.82 3.92
CA LEU A 191 -9.76 -15.28 3.85
C LEU A 191 -8.48 -15.99 4.20
N ALA A 192 -7.33 -15.45 3.76
CA ALA A 192 -6.07 -16.05 4.16
C ALA A 192 -5.95 -16.22 5.69
N VAL A 193 -6.33 -15.16 6.39
CA VAL A 193 -6.30 -15.14 7.86
C VAL A 193 -7.22 -16.16 8.51
N GLU A 194 -8.50 -16.08 8.19
CA GLU A 194 -9.50 -17.01 8.75
C GLU A 194 -9.32 -18.47 8.31
N TRP A 195 -8.89 -18.68 7.06
CA TRP A 195 -8.84 -20.03 6.53
C TRP A 195 -7.47 -20.75 6.54
N GLY A 196 -6.39 -20.01 6.70
CA GLY A 196 -5.08 -20.60 6.90
C GLY A 196 -5.06 -21.76 7.90
N PRO A 197 -5.70 -21.61 9.06
CA PRO A 197 -5.58 -22.76 9.96
C PRO A 197 -6.33 -24.00 9.46
N GLN A 198 -7.19 -23.88 8.45
CA GLN A 198 -7.69 -25.10 7.82
C GLN A 198 -6.82 -25.55 6.64
N ASN A 199 -5.57 -25.04 6.53
CA ASN A 199 -4.69 -25.44 5.43
C ASN A 199 -5.27 -24.96 4.08
N ILE A 200 -5.81 -23.75 4.06
CA ILE A 200 -6.21 -23.10 2.76
C ILE A 200 -5.34 -21.88 2.54
N ARG A 201 -4.61 -21.82 1.43
CA ARG A 201 -3.90 -20.61 1.04
C ARG A 201 -4.78 -19.79 0.07
N VAL A 202 -4.69 -18.45 0.18
CA VAL A 202 -5.46 -17.54 -0.65
C VAL A 202 -4.55 -16.39 -1.09
N ASN A 203 -4.42 -16.23 -2.41
CA ASN A 203 -3.61 -15.13 -2.91
C ASN A 203 -4.33 -14.47 -4.12
N SER A 204 -3.88 -13.26 -4.48
CA SER A 204 -4.40 -12.59 -5.65
C SER A 204 -3.26 -12.56 -6.71
N LEU A 205 -3.62 -12.64 -7.97
CA LEU A 205 -2.71 -12.39 -9.06
C LEU A 205 -3.31 -11.27 -9.89
N ALA A 206 -2.62 -10.14 -10.02
CA ALA A 206 -3.21 -9.03 -10.77
C ALA A 206 -2.50 -8.91 -12.13
N PRO A 207 -3.20 -9.24 -13.25
CA PRO A 207 -2.55 -9.11 -14.55
C PRO A 207 -2.43 -7.66 -15.05
N GLY A 208 -1.47 -7.43 -15.97
CA GLY A 208 -1.46 -6.22 -16.75
C GLY A 208 -2.34 -6.33 -17.97
N PRO A 209 -2.05 -5.51 -19.00
CA PRO A 209 -2.74 -5.61 -20.30
C PRO A 209 -2.26 -6.84 -21.11
N ILE A 210 -3.20 -7.76 -21.38
CA ILE A 210 -2.87 -9.12 -21.88
C ILE A 210 -3.46 -9.32 -23.29
N SER A 211 -2.63 -9.61 -24.28
CA SER A 211 -3.10 -9.79 -25.65
C SER A 211 -3.96 -11.03 -25.76
N GLY A 212 -4.87 -11.08 -26.73
CA GLY A 212 -5.64 -12.29 -26.90
C GLY A 212 -6.80 -12.45 -25.96
N THR A 213 -7.28 -11.32 -25.40
CA THR A 213 -8.35 -11.37 -24.36
C THR A 213 -9.47 -10.35 -24.68
N GLU A 214 -10.69 -10.72 -24.35
CA GLU A 214 -11.82 -9.80 -24.31
C GLU A 214 -11.54 -8.50 -23.50
N GLY A 215 -10.89 -8.65 -22.32
CA GLY A 215 -10.51 -7.45 -21.57
C GLY A 215 -9.67 -6.49 -22.44
N LEU A 216 -8.63 -6.98 -23.08
CA LEU A 216 -7.85 -6.08 -23.91
C LEU A 216 -8.69 -5.53 -25.08
N ARG A 217 -9.51 -6.35 -25.75
CA ARG A 217 -10.40 -5.89 -26.86
C ARG A 217 -11.36 -4.80 -26.42
N ARG A 218 -11.91 -4.94 -25.23
CA ARG A 218 -12.92 -4.00 -24.76
C ARG A 218 -12.35 -2.70 -24.23
N LEU A 219 -11.16 -2.75 -23.69
CA LEU A 219 -10.74 -1.68 -22.78
C LEU A 219 -9.44 -1.11 -23.23
N GLY A 220 -8.79 -1.74 -24.20
CA GLY A 220 -7.47 -1.31 -24.64
C GLY A 220 -7.49 0.03 -25.35
N GLY A 221 -8.64 0.37 -25.95
CA GLY A 221 -8.77 1.66 -26.64
C GLY A 221 -8.16 1.57 -28.02
N PRO A 222 -8.06 2.71 -28.73
CA PRO A 222 -7.61 2.65 -30.14
C PRO A 222 -6.18 2.08 -30.26
N GLN A 223 -5.96 1.24 -31.27
CA GLN A 223 -4.68 0.57 -31.46
C GLN A 223 -3.44 1.45 -31.26
N ALA A 224 -3.54 2.71 -31.69
CA ALA A 224 -2.36 3.57 -31.80
C ALA A 224 -2.03 4.26 -30.48
N SER A 225 -3.04 4.61 -29.68
CA SER A 225 -2.76 5.10 -28.35
C SER A 225 -2.37 3.93 -27.43
N LEU A 226 -2.90 2.71 -27.69
CA LEU A 226 -2.49 1.53 -26.92
C LEU A 226 -1.04 1.23 -27.13
N SER A 227 -0.62 1.12 -28.39
CA SER A 227 0.74 0.74 -28.63
C SER A 227 1.74 1.81 -28.12
N THR A 228 1.35 3.09 -28.11
CA THR A 228 2.16 4.17 -27.46
C THR A 228 2.36 3.97 -25.94
N LYS A 229 1.31 3.64 -25.19
CA LYS A 229 1.53 3.43 -23.77
C LYS A 229 2.29 2.14 -23.52
N VAL A 230 2.00 1.12 -24.32
CA VAL A 230 2.70 -0.17 -24.23
C VAL A 230 4.18 0.02 -24.45
N THR A 231 4.57 0.74 -25.52
CA THR A 231 6.01 0.83 -25.78
C THR A 231 6.68 1.79 -24.76
N ALA A 232 5.88 2.60 -24.07
CA ALA A 232 6.41 3.48 -22.98
C ALA A 232 6.43 2.78 -21.57
N SER A 233 6.01 1.50 -21.50
CA SER A 233 5.95 0.76 -20.25
C SER A 233 7.25 -0.07 -20.06
N PRO A 234 7.57 -0.48 -18.79
CA PRO A 234 8.92 -1.00 -18.53
C PRO A 234 9.40 -2.15 -19.46
N LEU A 235 8.56 -3.16 -19.71
CA LEU A 235 8.99 -4.29 -20.53
C LEU A 235 8.57 -4.04 -21.99
N GLN A 236 7.94 -2.90 -22.25
CA GLN A 236 7.63 -2.41 -23.62
C GLN A 236 6.79 -3.37 -24.48
N ARG A 237 6.02 -4.25 -23.89
CA ARG A 237 5.16 -5.18 -24.62
C ARG A 237 3.96 -5.48 -23.79
N LEU A 238 2.91 -5.97 -24.45
CA LEU A 238 1.79 -6.60 -23.78
C LEU A 238 2.24 -7.90 -23.09
N GLY A 239 1.56 -8.29 -22.01
CA GLY A 239 1.75 -9.65 -21.52
C GLY A 239 0.90 -10.59 -22.37
N ASN A 240 1.18 -11.89 -22.26
CA ASN A 240 0.30 -12.84 -22.97
C ASN A 240 -0.34 -13.77 -21.93
N LYS A 241 -1.32 -14.56 -22.35
CA LYS A 241 -2.07 -15.42 -21.46
C LYS A 241 -1.24 -16.53 -20.83
N THR A 242 -0.29 -17.10 -21.57
CA THR A 242 0.59 -18.11 -21.02
C THR A 242 1.43 -17.59 -19.88
N GLU A 243 1.89 -16.34 -20.00
CA GLU A 243 2.64 -15.73 -18.93
C GLU A 243 1.83 -15.60 -17.65
N ILE A 244 0.57 -15.20 -17.77
CA ILE A 244 -0.29 -15.07 -16.58
C ILE A 244 -0.56 -16.47 -16.01
N ALA A 245 -0.83 -17.45 -16.87
CA ALA A 245 -1.11 -18.80 -16.39
C ALA A 245 0.07 -19.31 -15.61
N HIS A 246 1.29 -18.98 -16.02
CA HIS A 246 2.49 -19.48 -15.32
C HIS A 246 2.52 -18.90 -13.93
N SER A 247 2.19 -17.61 -13.77
CA SER A 247 2.22 -17.03 -12.40
C SER A 247 1.07 -17.54 -11.58
N VAL A 248 -0.09 -17.76 -12.21
CA VAL A 248 -1.24 -18.36 -11.54
C VAL A 248 -0.88 -19.79 -11.07
N LEU A 249 -0.27 -20.58 -11.94
CA LEU A 249 0.23 -21.95 -11.63
C LEU A 249 1.23 -21.95 -10.47
N TYR A 250 2.21 -21.05 -10.54
CA TYR A 250 3.09 -20.85 -9.39
C TYR A 250 2.29 -20.78 -8.03
N LEU A 251 1.39 -19.80 -7.93
CA LEU A 251 0.62 -19.57 -6.69
C LEU A 251 -0.25 -20.74 -6.26
N ALA A 252 -0.78 -21.47 -7.26
CA ALA A 252 -1.71 -22.62 -7.05
C ALA A 252 -0.96 -23.88 -6.57
N SER A 253 0.35 -23.86 -6.69
CA SER A 253 1.19 -25.07 -6.60
C SER A 253 1.95 -25.15 -5.28
N PRO A 254 2.50 -26.34 -4.98
CA PRO A 254 3.27 -26.51 -3.74
C PRO A 254 4.54 -25.69 -3.71
N LEU A 255 4.95 -25.12 -4.83
CA LEU A 255 6.13 -24.20 -4.84
C LEU A 255 5.85 -22.91 -4.08
N ALA A 256 4.57 -22.63 -3.84
CA ALA A 256 4.13 -21.42 -3.11
C ALA A 256 3.52 -21.87 -1.75
N SER A 257 4.03 -22.99 -1.23
CA SER A 257 3.66 -23.52 0.08
C SER A 257 3.66 -22.48 1.21
N TYR A 258 4.52 -21.47 1.14
CA TYR A 258 4.61 -20.47 2.22
C TYR A 258 4.00 -19.12 1.87
N VAL A 259 3.30 -19.07 0.73
CA VAL A 259 2.72 -17.81 0.29
C VAL A 259 1.19 -17.80 0.51
N THR A 260 0.73 -16.84 1.30
CA THR A 260 -0.70 -16.67 1.49
C THR A 260 -1.00 -15.27 1.94
N GLY A 261 -2.15 -14.75 1.49
CA GLY A 261 -2.55 -13.40 1.81
C GLY A 261 -1.79 -12.40 0.97
N ALA A 262 -1.13 -12.82 -0.13
CA ALA A 262 -0.31 -11.92 -0.93
C ALA A 262 -1.07 -11.49 -2.20
N VAL A 263 -0.70 -10.32 -2.74
CA VAL A 263 -1.12 -9.86 -4.05
C VAL A 263 0.10 -9.81 -4.91
N LEU A 264 0.19 -10.77 -5.82
CA LEU A 264 1.29 -10.80 -6.78
C LEU A 264 0.87 -10.07 -8.07
N VAL A 265 1.57 -8.98 -8.37
CA VAL A 265 1.30 -8.23 -9.60
C VAL A 265 2.16 -8.77 -10.77
N ALA A 266 1.50 -9.15 -11.88
CA ALA A 266 2.19 -9.64 -13.11
C ALA A 266 1.79 -8.79 -14.29
N ASP A 267 2.46 -7.67 -14.48
CA ASP A 267 2.00 -6.67 -15.40
C ASP A 267 3.09 -5.96 -16.20
N GLY A 268 4.29 -6.50 -16.17
CA GLY A 268 5.43 -5.96 -16.93
C GLY A 268 5.72 -4.55 -16.45
N GLY A 269 5.25 -4.24 -15.24
CA GLY A 269 5.40 -2.90 -14.66
C GLY A 269 4.46 -1.84 -15.22
N ALA A 270 3.49 -2.22 -16.04
CA ALA A 270 2.58 -1.25 -16.70
C ALA A 270 1.83 -0.28 -15.75
N TRP A 271 1.48 -0.70 -14.53
CA TRP A 271 0.72 0.28 -13.68
C TRP A 271 1.63 1.39 -13.20
N LEU A 272 2.92 1.16 -13.17
CA LEU A 272 3.82 2.19 -12.74
C LEU A 272 3.86 3.31 -13.78
N THR A 273 3.63 2.97 -15.05
CA THR A 273 3.88 3.94 -16.13
C THR A 273 2.68 4.33 -17.03
N PHE A 274 1.60 3.54 -17.04
CA PHE A 274 0.45 3.80 -17.96
C PHE A 274 -0.21 5.15 -17.67
N PRO A 275 -0.75 5.82 -18.71
CA PRO A 275 -1.29 7.14 -18.43
C PRO A 275 -2.57 6.97 -17.68
N ASN A 276 -2.94 7.98 -16.93
CA ASN A 276 -4.22 8.00 -16.29
C ASN A 276 -4.93 9.30 -16.66
N GLN B 2 -4.59 14.04 25.68
CA GLN B 2 -5.77 14.90 26.16
C GLN B 2 -6.84 15.38 25.13
N PRO B 3 -7.72 14.47 24.65
CA PRO B 3 -8.58 14.80 23.52
C PRO B 3 -9.69 15.86 23.75
N PRO B 4 -10.20 16.47 22.69
CA PRO B 4 -11.37 17.34 22.84
C PRO B 4 -12.54 16.52 23.42
N PRO B 5 -13.45 17.14 24.15
CA PRO B 5 -14.51 16.36 24.75
C PRO B 5 -15.47 15.69 23.78
N ASP B 6 -16.14 14.62 24.25
CA ASP B 6 -17.18 13.98 23.45
C ASP B 6 -18.31 13.58 24.40
N VAL B 7 -19.51 13.36 23.88
CA VAL B 7 -20.51 12.65 24.64
C VAL B 7 -20.79 11.26 23.98
N GLU B 8 -20.93 10.27 24.85
CA GLU B 8 -21.19 8.90 24.44
C GLU B 8 -22.43 8.69 23.58
N GLY B 9 -23.54 9.35 23.91
CA GLY B 9 -24.78 9.11 23.16
C GLY B 9 -24.87 10.01 21.93
N ASP B 10 -25.98 9.90 21.20
CA ASP B 10 -26.17 10.75 20.06
C ASP B 10 -26.81 12.07 20.53
N ASP B 11 -26.06 12.80 21.38
CA ASP B 11 -26.40 14.14 21.84
C ASP B 11 -25.29 15.10 21.49
N CYS B 12 -25.61 16.39 21.40
CA CYS B 12 -24.58 17.39 21.11
C CYS B 12 -23.65 17.58 22.29
N LEU B 13 -22.45 18.08 22.00
CA LEU B 13 -21.54 18.53 23.02
C LEU B 13 -22.24 19.66 23.80
N PRO B 14 -22.16 19.62 25.16
CA PRO B 14 -22.78 20.66 26.00
C PRO B 14 -21.93 21.96 26.02
N ALA B 15 -20.61 21.87 25.74
CA ALA B 15 -19.76 23.08 25.61
C ALA B 15 -18.80 22.83 24.43
N TYR B 16 -18.12 23.86 23.95
CA TYR B 16 -17.17 23.68 22.81
C TYR B 16 -16.12 24.81 22.77
N ARG B 17 -14.89 24.47 22.36
CA ARG B 17 -13.85 25.46 22.10
C ARG B 17 -13.40 25.35 20.65
N HIS B 18 -13.49 26.46 19.92
CA HIS B 18 -13.06 26.49 18.55
C HIS B 18 -11.57 26.43 18.38
N LEU B 19 -11.11 25.53 17.51
CA LEU B 19 -9.71 25.50 17.07
C LEU B 19 -9.61 25.81 15.59
N PHE B 20 -10.58 25.37 14.82
CA PHE B 20 -10.94 26.06 13.55
C PHE B 20 -11.80 27.32 13.76
N CYS B 21 -11.60 28.32 12.91
CA CYS B 21 -12.45 29.50 12.92
C CYS B 21 -13.93 29.16 12.78
N PRO B 22 -14.81 29.84 13.55
CA PRO B 22 -16.17 29.39 13.47
C PRO B 22 -16.84 29.76 12.13
N ASP B 23 -16.22 30.58 11.29
CA ASP B 23 -16.80 30.79 9.99
C ASP B 23 -16.14 29.90 8.90
N LEU B 24 -15.47 28.82 9.30
CA LEU B 24 -14.71 28.02 8.35
C LEU B 24 -15.65 27.53 7.21
N LEU B 25 -16.85 27.10 7.55
CA LEU B 25 -17.80 26.60 6.51
C LEU B 25 -19.03 27.53 6.33
N ARG B 26 -18.80 28.83 6.54
CA ARG B 26 -19.91 29.74 6.72
C ARG B 26 -20.86 29.73 5.54
N ASP B 27 -22.15 29.51 5.84
CA ASP B 27 -23.23 29.38 4.82
C ASP B 27 -23.15 28.23 3.79
N LYS B 28 -22.25 27.28 4.00
CA LYS B 28 -22.20 26.08 3.15
C LYS B 28 -23.28 25.12 3.65
N VAL B 29 -23.59 24.14 2.78
CA VAL B 29 -24.52 23.09 3.06
C VAL B 29 -23.82 21.74 2.87
N ALA B 30 -23.89 20.87 3.88
CA ALA B 30 -23.31 19.52 3.80
C ALA B 30 -24.41 18.47 3.83
N PHE B 31 -24.37 17.55 2.86
CA PHE B 31 -25.28 16.40 2.82
C PHE B 31 -24.56 15.21 3.48
N ILE B 32 -25.11 14.69 4.58
CA ILE B 32 -24.44 13.65 5.39
C ILE B 32 -25.30 12.38 5.52
N THR B 33 -24.90 11.27 4.88
CA THR B 33 -25.64 10.03 5.01
C THR B 33 -25.22 9.44 6.35
N GLY B 34 -26.15 8.86 7.09
CA GLY B 34 -25.84 8.32 8.42
C GLY B 34 -25.65 9.46 9.44
N GLY B 35 -26.17 10.61 9.12
CA GLY B 35 -25.92 11.79 9.93
C GLY B 35 -26.72 11.87 11.22
N GLY B 36 -27.55 10.87 11.50
CA GLY B 36 -28.42 10.91 12.70
C GLY B 36 -27.90 10.10 13.88
N SER B 37 -26.75 9.42 13.73
CA SER B 37 -26.18 8.66 14.83
C SER B 37 -24.65 8.55 14.75
N GLY B 38 -24.04 8.10 15.84
CA GLY B 38 -22.61 7.77 15.86
C GLY B 38 -21.71 8.91 15.36
N ILE B 39 -20.75 8.54 14.51
CA ILE B 39 -19.76 9.44 14.00
C ILE B 39 -20.48 10.48 13.13
N GLY B 40 -21.41 10.03 12.27
CA GLY B 40 -22.10 11.00 11.38
C GLY B 40 -22.87 12.10 12.14
N PHE B 41 -23.49 11.72 13.27
CA PHE B 41 -24.12 12.75 14.16
C PHE B 41 -23.10 13.83 14.59
N ARG B 42 -21.95 13.39 15.12
CA ARG B 42 -20.92 14.36 15.55
C ARG B 42 -20.33 15.21 14.40
N ILE B 43 -20.20 14.62 13.22
CA ILE B 43 -19.80 15.36 11.99
C ILE B 43 -20.81 16.52 11.75
N ALA B 44 -22.11 16.19 11.76
CA ALA B 44 -23.15 17.22 11.51
C ALA B 44 -23.03 18.36 12.55
N GLU B 45 -22.85 17.98 13.80
CA GLU B 45 -22.81 19.02 14.83
C GLU B 45 -21.61 19.93 14.60
N ILE B 46 -20.46 19.30 14.38
CA ILE B 46 -19.22 20.03 14.35
C ILE B 46 -19.24 20.90 13.14
N PHE B 47 -19.77 20.40 12.03
CA PHE B 47 -19.88 21.25 10.84
C PHE B 47 -20.83 22.39 11.12
N MET B 48 -21.86 22.12 11.91
CA MET B 48 -22.83 23.17 12.18
C MET B 48 -22.23 24.24 13.07
N ARG B 49 -21.34 23.84 13.98
CA ARG B 49 -20.63 24.81 14.83
C ARG B 49 -19.65 25.61 14.00
N HIS B 50 -19.45 25.24 12.73
CA HIS B 50 -18.56 26.04 11.86
C HIS B 50 -19.28 26.73 10.73
N GLY B 51 -20.58 26.93 10.90
CA GLY B 51 -21.33 27.82 10.01
C GLY B 51 -22.09 27.11 8.92
N CYS B 52 -21.99 25.78 8.93
CA CYS B 52 -22.58 24.89 7.91
C CYS B 52 -24.06 24.50 8.27
N HIS B 53 -24.93 24.53 7.27
CA HIS B 53 -26.23 23.87 7.38
C HIS B 53 -26.02 22.43 6.99
N THR B 54 -26.80 21.54 7.56
CA THR B 54 -26.70 20.16 7.17
C THR B 54 -28.04 19.54 6.68
N VAL B 55 -27.88 18.49 5.88
CA VAL B 55 -28.95 17.54 5.55
C VAL B 55 -28.46 16.19 6.03
N ILE B 56 -29.21 15.57 6.92
CA ILE B 56 -28.88 14.24 7.39
C ILE B 56 -29.87 13.22 6.84
N ALA B 57 -29.34 12.15 6.22
CA ALA B 57 -30.15 11.10 5.52
C ALA B 57 -29.76 9.70 5.91
N SER B 58 -30.72 8.95 6.48
CA SER B 58 -30.58 7.53 6.60
C SER B 58 -31.95 6.80 6.47
N ARG B 59 -32.01 5.50 6.81
CA ARG B 59 -33.30 4.80 6.61
C ARG B 59 -34.34 5.23 7.65
N SER B 60 -33.97 5.24 8.94
CA SER B 60 -34.92 5.34 10.06
C SER B 60 -35.32 6.77 10.34
N LEU B 61 -36.57 7.13 10.00
CA LEU B 61 -37.10 8.50 10.26
C LEU B 61 -37.04 8.96 11.74
N PRO B 62 -37.48 8.14 12.69
CA PRO B 62 -37.22 8.54 14.08
C PRO B 62 -35.78 9.03 14.32
N ARG B 63 -34.78 8.32 13.83
CA ARG B 63 -33.40 8.65 14.05
C ARG B 63 -33.08 10.06 13.65
N VAL B 64 -33.37 10.40 12.42
CA VAL B 64 -32.97 11.69 11.90
C VAL B 64 -33.84 12.84 12.40
N LEU B 65 -35.06 12.53 12.86
CA LEU B 65 -35.96 13.52 13.50
C LEU B 65 -35.41 13.90 14.87
N THR B 66 -35.20 12.90 15.74
CA THR B 66 -34.55 13.12 17.01
C THR B 66 -33.25 13.97 16.79
N ALA B 67 -32.39 13.57 15.83
CA ALA B 67 -31.10 14.25 15.57
C ALA B 67 -31.21 15.70 15.16
N ALA B 68 -32.00 15.99 14.14
CA ALA B 68 -32.09 17.32 13.59
C ALA B 68 -32.59 18.38 14.60
N ARG B 69 -33.47 17.97 15.51
CA ARG B 69 -33.88 18.82 16.60
C ARG B 69 -32.72 19.15 17.53
N LYS B 70 -31.99 18.14 17.96
CA LYS B 70 -30.85 18.41 18.82
C LYS B 70 -29.82 19.29 18.11
N LEU B 71 -29.48 18.96 16.87
CA LEU B 71 -28.46 19.74 16.15
C LEU B 71 -28.84 21.22 15.96
N ALA B 72 -30.06 21.47 15.49
CA ALA B 72 -30.54 22.87 15.36
C ALA B 72 -30.55 23.58 16.72
N GLY B 73 -31.00 22.86 17.73
CA GLY B 73 -31.12 23.38 19.06
C GLY B 73 -29.75 23.84 19.50
N ALA B 74 -28.72 23.03 19.26
CA ALA B 74 -27.41 23.29 19.86
C ALA B 74 -26.60 24.31 19.12
N THR B 75 -26.88 24.50 17.83
CA THR B 75 -25.96 25.28 17.01
C THR B 75 -26.56 26.52 16.42
N GLY B 76 -27.89 26.57 16.30
CA GLY B 76 -28.50 27.71 15.62
C GLY B 76 -28.46 27.61 14.09
N ARG B 77 -28.00 26.48 13.54
CA ARG B 77 -27.97 26.34 12.09
C ARG B 77 -29.15 25.39 11.73
N ARG B 78 -29.49 25.32 10.45
CA ARG B 78 -30.57 24.44 9.97
C ARG B 78 -30.13 23.02 9.68
N CYS B 79 -30.94 22.06 10.09
CA CYS B 79 -30.69 20.67 9.79
C CYS B 79 -31.93 20.08 9.17
N LEU B 80 -31.85 19.66 7.90
CA LEU B 80 -32.96 19.01 7.18
C LEU B 80 -32.86 17.47 7.31
N PRO B 81 -33.75 16.82 8.11
CA PRO B 81 -33.71 15.37 8.20
C PRO B 81 -34.52 14.71 7.04
N LEU B 82 -34.03 13.58 6.50
CA LEU B 82 -34.67 12.84 5.36
C LEU B 82 -34.50 11.33 5.55
N SER B 83 -35.62 10.58 5.45
CA SER B 83 -35.58 9.12 5.30
C SER B 83 -35.05 8.82 3.91
N MET B 84 -34.01 8.00 3.82
CA MET B 84 -33.43 7.71 2.51
C MET B 84 -32.50 6.52 2.57
N ASP B 85 -32.72 5.56 1.66
CA ASP B 85 -31.85 4.37 1.59
C ASP B 85 -30.83 4.61 0.46
N VAL B 86 -29.54 4.63 0.84
CA VAL B 86 -28.43 4.89 -0.12
C VAL B 86 -28.45 3.89 -1.27
N ARG B 87 -29.14 2.74 -1.06
CA ARG B 87 -29.24 1.63 -2.03
C ARG B 87 -30.35 1.84 -3.08
N ALA B 88 -31.19 2.85 -2.89
CA ALA B 88 -32.34 3.07 -3.80
C ALA B 88 -32.13 4.37 -4.57
N PRO B 89 -31.65 4.29 -5.83
CA PRO B 89 -31.41 5.53 -6.54
C PRO B 89 -32.63 6.49 -6.62
N PRO B 90 -33.86 5.99 -6.80
CA PRO B 90 -34.87 7.07 -6.91
C PRO B 90 -35.08 7.80 -5.55
N ALA B 91 -34.90 7.08 -4.44
CA ALA B 91 -35.06 7.77 -3.12
C ALA B 91 -33.87 8.74 -2.92
N VAL B 92 -32.68 8.35 -3.41
CA VAL B 92 -31.48 9.20 -3.34
C VAL B 92 -31.67 10.48 -4.18
N MET B 93 -32.16 10.31 -5.39
CA MET B 93 -32.53 11.43 -6.25
C MET B 93 -33.61 12.33 -5.60
N ALA B 94 -34.68 11.77 -5.01
CA ALA B 94 -35.67 12.63 -4.32
C ALA B 94 -35.02 13.46 -3.21
N ALA B 95 -34.24 12.79 -2.37
CA ALA B 95 -33.64 13.43 -1.19
C ALA B 95 -32.72 14.57 -1.64
N VAL B 96 -31.90 14.34 -2.64
CA VAL B 96 -31.02 15.40 -3.14
C VAL B 96 -31.86 16.56 -3.73
N ASP B 97 -32.91 16.23 -4.51
CA ASP B 97 -33.84 17.27 -5.03
C ASP B 97 -34.43 18.12 -3.83
N GLN B 98 -34.85 17.47 -2.75
CA GLN B 98 -35.47 18.15 -1.65
C GLN B 98 -34.47 19.04 -0.89
N ALA B 99 -33.26 18.50 -0.70
CA ALA B 99 -32.13 19.28 -0.17
C ALA B 99 -31.88 20.50 -1.04
N LEU B 100 -31.81 20.32 -2.36
CA LEU B 100 -31.58 21.49 -3.24
C LEU B 100 -32.73 22.49 -3.23
N LYS B 101 -33.97 22.01 -3.10
CA LYS B 101 -35.13 22.91 -3.01
C LYS B 101 -35.03 23.77 -1.76
N GLU B 102 -34.75 23.13 -0.64
CA GLU B 102 -34.72 23.76 0.66
C GLU B 102 -33.55 24.71 0.84
N PHE B 103 -32.37 24.37 0.31
CA PHE B 103 -31.16 25.17 0.55
C PHE B 103 -30.60 25.92 -0.65
N GLY B 104 -30.99 25.56 -1.87
CA GLY B 104 -30.39 26.21 -3.05
C GLY B 104 -29.01 25.72 -3.44
N ARG B 105 -28.37 24.85 -2.65
CA ARG B 105 -26.96 24.48 -2.93
C ARG B 105 -26.64 23.29 -2.05
N ILE B 106 -25.65 22.49 -2.47
CA ILE B 106 -24.96 21.51 -1.59
C ILE B 106 -23.45 21.71 -1.83
N ASP B 107 -22.67 21.85 -0.78
CA ASP B 107 -21.23 22.12 -0.95
C ASP B 107 -20.37 20.88 -0.70
N ILE B 108 -20.87 20.04 0.22
CA ILE B 108 -20.10 18.98 0.77
C ILE B 108 -20.97 17.76 0.85
N LEU B 109 -20.38 16.59 0.60
CA LEU B 109 -21.06 15.33 0.76
C LEU B 109 -20.21 14.46 1.65
N ILE B 110 -20.79 13.93 2.75
CA ILE B 110 -20.06 13.05 3.65
C ILE B 110 -20.73 11.67 3.54
N ASN B 111 -20.01 10.64 3.04
CA ASN B 111 -20.64 9.29 2.89
C ASN B 111 -20.22 8.50 4.12
N CYS B 112 -21.11 8.49 5.13
CA CYS B 112 -20.87 7.89 6.42
C CYS B 112 -21.78 6.67 6.68
N ALA B 113 -22.86 6.53 5.90
CA ALA B 113 -23.80 5.37 6.01
C ALA B 113 -23.05 4.09 5.79
N ALA B 114 -23.26 3.11 6.70
CA ALA B 114 -22.61 1.82 6.59
C ALA B 114 -23.31 0.84 7.51
N GLY B 115 -22.98 -0.44 7.30
CA GLY B 115 -23.53 -1.48 8.13
C GLY B 115 -22.48 -2.52 8.36
N ASN B 116 -22.48 -3.06 9.58
CA ASN B 116 -21.47 -3.99 9.96
C ASN B 116 -21.87 -4.83 11.15
N PHE B 117 -21.16 -5.93 11.34
CA PHE B 117 -21.46 -6.93 12.41
C PHE B 117 -20.33 -7.93 12.35
N LEU B 118 -20.05 -8.64 13.43
CA LEU B 118 -18.99 -9.64 13.43
C LEU B 118 -19.53 -10.91 12.89
N CYS B 119 -18.79 -11.57 11.98
CA CYS B 119 -19.21 -12.89 11.48
C CYS B 119 -18.03 -13.56 10.75
N PRO B 120 -17.73 -14.81 11.15
CA PRO B 120 -16.71 -15.52 10.37
C PRO B 120 -17.18 -15.75 8.95
N ALA B 121 -16.25 -15.67 7.99
CA ALA B 121 -16.53 -15.89 6.55
C ALA B 121 -17.28 -17.17 6.26
N GLY B 122 -16.91 -18.25 6.98
CA GLY B 122 -17.58 -19.55 6.82
C GLY B 122 -19.06 -19.52 7.27
N ALA B 123 -19.47 -18.53 8.06
CA ALA B 123 -20.88 -18.46 8.50
C ALA B 123 -21.62 -17.32 7.81
N LEU B 124 -20.86 -16.47 7.11
CA LEU B 124 -21.38 -15.39 6.36
C LEU B 124 -22.00 -15.82 5.02
N SER B 125 -23.27 -15.51 4.81
CA SER B 125 -23.93 -15.96 3.58
C SER B 125 -23.63 -14.99 2.44
N PHE B 126 -23.90 -15.44 1.22
CA PHE B 126 -23.72 -14.58 0.05
C PHE B 126 -24.54 -13.28 0.19
N ASN B 127 -25.79 -13.42 0.61
CA ASN B 127 -26.66 -12.26 0.76
C ASN B 127 -26.15 -11.29 1.82
N ALA B 128 -25.60 -11.83 2.92
CA ALA B 128 -25.02 -11.03 3.99
C ALA B 128 -23.81 -10.20 3.46
N PHE B 129 -22.90 -10.86 2.73
CA PHE B 129 -21.74 -10.21 2.14
C PHE B 129 -22.21 -9.12 1.18
N LYS B 130 -23.14 -9.47 0.29
CA LYS B 130 -23.62 -8.56 -0.71
C LYS B 130 -24.36 -7.37 -0.10
N THR B 131 -25.01 -7.57 1.06
CA THR B 131 -25.69 -6.46 1.73
C THR B 131 -24.72 -5.36 2.16
N VAL B 132 -23.64 -5.78 2.81
CA VAL B 132 -22.64 -4.84 3.25
C VAL B 132 -22.00 -4.15 2.02
N MET B 133 -21.72 -4.89 0.93
CA MET B 133 -21.17 -4.28 -0.30
CA MET B 133 -21.18 -4.29 -0.31
C MET B 133 -22.16 -3.26 -0.86
N ASP B 134 -23.45 -3.57 -0.76
CA ASP B 134 -24.52 -2.70 -1.31
C ASP B 134 -24.63 -1.36 -0.55
N ILE B 135 -24.67 -1.40 0.79
CA ILE B 135 -24.84 -0.14 1.57
C ILE B 135 -23.54 0.68 1.43
N ASP B 136 -22.41 0.03 1.69
CA ASP B 136 -21.14 0.72 1.85
C ASP B 136 -20.62 1.16 0.50
N THR B 137 -20.50 0.21 -0.44
CA THR B 137 -19.87 0.58 -1.70
C THR B 137 -20.85 1.11 -2.72
N SER B 138 -21.86 0.30 -3.06
CA SER B 138 -22.82 0.80 -4.05
C SER B 138 -23.54 2.04 -3.54
N GLY B 139 -23.84 2.09 -2.25
CA GLY B 139 -24.44 3.29 -1.70
C GLY B 139 -23.62 4.55 -1.81
N THR B 140 -22.32 4.47 -1.50
CA THR B 140 -21.43 5.61 -1.58
C THR B 140 -21.31 6.01 -3.04
N PHE B 141 -21.17 5.03 -3.94
CA PHE B 141 -21.28 5.39 -5.35
C PHE B 141 -22.62 6.07 -5.70
N ASN B 142 -23.74 5.52 -5.27
CA ASN B 142 -25.07 6.05 -5.71
C ASN B 142 -25.20 7.54 -5.30
N VAL B 143 -24.78 7.85 -4.07
CA VAL B 143 -24.96 9.19 -3.54
C VAL B 143 -24.03 10.20 -4.22
N SER B 144 -22.78 9.79 -4.43
CA SER B 144 -21.83 10.66 -5.07
C SER B 144 -22.27 10.92 -6.51
N ARG B 145 -22.79 9.87 -7.16
CA ARG B 145 -23.18 9.91 -8.60
C ARG B 145 -24.38 10.91 -8.80
N VAL B 146 -25.37 10.80 -7.90
CA VAL B 146 -26.54 11.67 -7.91
C VAL B 146 -26.12 13.09 -7.61
N LEU B 147 -25.31 13.29 -6.54
CA LEU B 147 -24.78 14.66 -6.27
C LEU B 147 -24.01 15.25 -7.42
N TYR B 148 -23.24 14.40 -8.07
CA TYR B 148 -22.44 14.86 -9.18
C TYR B 148 -23.35 15.48 -10.29
N GLU B 149 -24.27 14.66 -10.76
CA GLU B 149 -25.22 15.04 -11.79
C GLU B 149 -26.10 16.20 -11.33
N LYS B 150 -26.68 16.11 -10.13
CA LYS B 150 -27.55 17.16 -9.65
C LYS B 150 -26.88 18.46 -9.31
N PHE B 151 -25.63 18.50 -8.87
CA PHE B 151 -25.05 19.75 -8.47
C PHE B 151 -23.54 19.94 -8.63
N PHE B 152 -22.75 18.95 -8.25
CA PHE B 152 -21.29 19.08 -8.17
C PHE B 152 -20.66 19.25 -9.54
N ARG B 153 -21.20 18.53 -10.54
CA ARG B 153 -20.65 18.62 -11.90
C ARG B 153 -20.54 20.11 -12.34
N ASP B 154 -21.55 20.91 -11.99
CA ASP B 154 -21.64 22.28 -12.55
C ASP B 154 -21.12 23.32 -11.58
N HIS B 155 -21.07 22.96 -10.30
CA HIS B 155 -20.70 23.91 -9.25
C HIS B 155 -19.55 23.53 -8.39
N GLY B 156 -18.87 22.40 -8.69
CA GLY B 156 -17.82 21.93 -7.79
C GLY B 156 -18.37 21.37 -6.48
N GLY B 157 -17.46 20.88 -5.63
CA GLY B 157 -17.87 20.24 -4.34
C GLY B 157 -16.73 19.51 -3.60
N VAL B 158 -17.02 19.02 -2.40
CA VAL B 158 -16.04 18.22 -1.67
C VAL B 158 -16.78 17.00 -1.20
N ILE B 159 -16.18 15.85 -1.39
CA ILE B 159 -16.73 14.64 -0.83
C ILE B 159 -15.71 14.07 0.15
N VAL B 160 -16.21 13.58 1.29
CA VAL B 160 -15.41 12.75 2.20
C VAL B 160 -16.13 11.42 2.37
N ASN B 161 -15.41 10.34 2.08
CA ASN B 161 -15.92 9.00 2.39
C ASN B 161 -15.29 8.48 3.71
N ILE B 162 -16.16 8.03 4.61
CA ILE B 162 -15.75 7.40 5.82
C ILE B 162 -15.48 5.93 5.54
N THR B 163 -14.27 5.51 5.75
CA THR B 163 -13.85 4.18 5.47
C THR B 163 -13.34 3.47 6.74
N ALA B 164 -12.26 2.73 6.66
CA ALA B 164 -11.84 1.91 7.78
C ALA B 164 -10.47 1.36 7.45
N THR B 165 -9.79 0.70 8.38
CA THR B 165 -8.49 0.09 8.06
C THR B 165 -8.58 -1.46 7.97
N LEU B 166 -9.80 -2.01 8.07
CA LEU B 166 -9.99 -3.44 8.25
C LEU B 166 -9.29 -4.31 7.19
N GLY B 167 -9.42 -3.88 5.95
CA GLY B 167 -8.91 -4.59 4.79
C GLY B 167 -7.39 -4.54 4.66
N ASN B 168 -6.71 -3.63 5.37
CA ASN B 168 -5.23 -3.61 5.41
C ASN B 168 -4.60 -4.94 5.79
N ARG B 169 -5.04 -5.51 6.91
CA ARG B 169 -4.47 -6.79 7.35
C ARG B 169 -5.47 -7.95 7.29
N GLY B 170 -6.63 -7.71 6.70
CA GLY B 170 -7.66 -8.75 6.63
C GLY B 170 -8.19 -9.14 8.03
N GLN B 171 -8.70 -8.16 8.74
CA GLN B 171 -9.22 -8.37 10.08
C GLN B 171 -10.24 -9.44 10.13
N ALA B 172 -9.98 -10.43 10.98
CA ALA B 172 -10.88 -11.53 11.18
C ALA B 172 -12.34 -11.11 11.47
N LEU B 173 -13.27 -11.94 11.01
CA LEU B 173 -14.73 -11.72 11.24
C LEU B 173 -15.24 -10.51 10.50
N GLN B 174 -14.41 -9.95 9.64
CA GLN B 174 -14.80 -8.72 8.97
C GLN B 174 -14.63 -8.73 7.46
N VAL B 175 -14.74 -9.88 6.81
CA VAL B 175 -14.42 -9.92 5.35
C VAL B 175 -15.28 -8.96 4.56
N HIS B 176 -16.56 -8.91 4.94
CA HIS B 176 -17.58 -8.02 4.36
C HIS B 176 -17.27 -6.55 4.45
N ALA B 177 -17.07 -6.03 5.66
CA ALA B 177 -16.74 -4.62 5.78
C ALA B 177 -15.35 -4.28 5.22
N GLY B 178 -14.36 -5.14 5.42
CA GLY B 178 -13.00 -4.85 4.93
C GLY B 178 -13.00 -4.74 3.40
N SER B 179 -13.72 -5.67 2.73
CA SER B 179 -13.83 -5.68 1.28
C SER B 179 -14.52 -4.39 0.80
N ALA B 180 -15.65 -4.08 1.41
CA ALA B 180 -16.48 -2.90 1.00
C ALA B 180 -15.75 -1.57 1.19
N LYS B 181 -15.12 -1.42 2.34
CA LYS B 181 -14.33 -0.23 2.64
C LYS B 181 -13.08 -0.06 1.74
N ALA B 182 -12.39 -1.16 1.45
CA ALA B 182 -11.26 -1.12 0.50
C ALA B 182 -11.75 -0.67 -0.88
N ALA B 183 -12.91 -1.19 -1.32
CA ALA B 183 -13.52 -0.74 -2.60
C ALA B 183 -13.78 0.77 -2.52
N VAL B 184 -14.28 1.24 -1.36
CA VAL B 184 -14.51 2.70 -1.22
C VAL B 184 -13.22 3.54 -1.32
N ASP B 185 -12.12 3.08 -0.69
CA ASP B 185 -10.86 3.84 -0.80
C ASP B 185 -10.34 3.90 -2.24
N ALA B 186 -10.51 2.81 -3.01
CA ALA B 186 -10.22 2.86 -4.44
C ALA B 186 -11.13 3.87 -5.17
N MET B 187 -12.43 3.82 -4.91
CA MET B 187 -13.39 4.75 -5.56
C MET B 187 -13.01 6.21 -5.29
N THR B 188 -12.52 6.48 -4.08
CA THR B 188 -11.95 7.80 -3.74
C THR B 188 -10.91 8.24 -4.72
N ARG B 189 -10.02 7.33 -5.08
CA ARG B 189 -8.97 7.64 -6.01
C ARG B 189 -9.53 7.85 -7.42
N HIS B 190 -10.42 6.95 -7.84
CA HIS B 190 -11.08 7.01 -9.17
C HIS B 190 -11.84 8.33 -9.34
N LEU B 191 -12.67 8.67 -8.35
CA LEU B 191 -13.45 9.91 -8.43
C LEU B 191 -12.63 11.15 -8.38
N ALA B 192 -11.56 11.15 -7.60
CA ALA B 192 -10.71 12.33 -7.57
C ALA B 192 -10.12 12.56 -8.97
N VAL B 193 -9.72 11.47 -9.62
CA VAL B 193 -9.00 11.62 -10.90
C VAL B 193 -10.08 12.18 -11.90
N GLU B 194 -11.29 11.61 -11.93
CA GLU B 194 -12.29 11.98 -12.94
C GLU B 194 -12.95 13.32 -12.67
N TRP B 195 -13.18 13.63 -11.40
CA TRP B 195 -13.94 14.80 -11.02
C TRP B 195 -13.14 15.98 -10.58
N GLY B 196 -11.84 15.80 -10.35
CA GLY B 196 -10.98 16.94 -10.06
C GLY B 196 -11.17 18.06 -11.07
N PRO B 197 -11.09 17.74 -12.38
CA PRO B 197 -11.20 18.86 -13.33
C PRO B 197 -12.54 19.63 -13.29
N GLN B 198 -13.59 19.10 -12.64
CA GLN B 198 -14.83 19.86 -12.39
C GLN B 198 -14.83 20.45 -11.01
N ASN B 199 -13.64 20.62 -10.45
CA ASN B 199 -13.51 21.22 -9.13
C ASN B 199 -14.16 20.49 -7.95
N ILE B 200 -14.03 19.17 -7.94
CA ILE B 200 -14.56 18.35 -6.88
C ILE B 200 -13.37 17.61 -6.26
N ARG B 201 -13.19 17.76 -4.96
CA ARG B 201 -12.23 16.97 -4.17
C ARG B 201 -12.91 15.77 -3.55
N VAL B 202 -12.17 14.67 -3.44
CA VAL B 202 -12.71 13.42 -2.91
C VAL B 202 -11.55 12.75 -2.14
N ASN B 203 -11.81 12.52 -0.86
CA ASN B 203 -10.87 11.91 0.08
C ASN B 203 -11.59 10.92 0.99
N SER B 204 -10.80 10.02 1.54
CA SER B 204 -11.31 9.08 2.53
C SER B 204 -10.77 9.47 3.87
N LEU B 205 -11.57 9.22 4.86
CA LEU B 205 -11.15 9.30 6.24
C LEU B 205 -11.41 7.98 6.91
N ALA B 206 -10.35 7.34 7.35
CA ALA B 206 -10.53 6.00 7.96
C ALA B 206 -10.38 6.07 9.47
N PRO B 207 -11.49 5.96 10.20
CA PRO B 207 -11.39 6.03 11.67
C PRO B 207 -10.84 4.74 12.36
N GLY B 208 -10.25 4.86 13.55
CA GLY B 208 -9.98 3.69 14.34
C GLY B 208 -11.21 3.37 15.21
N PRO B 209 -11.00 2.70 16.35
CA PRO B 209 -12.11 2.30 17.23
C PRO B 209 -12.55 3.52 18.05
N ILE B 210 -13.81 3.87 17.92
CA ILE B 210 -14.26 5.10 18.45
C ILE B 210 -15.35 4.87 19.54
N SER B 211 -15.12 5.47 20.71
CA SER B 211 -16.10 5.38 21.82
C SER B 211 -17.43 6.00 21.41
N GLY B 212 -18.49 5.53 22.04
CA GLY B 212 -19.79 6.20 21.86
C GLY B 212 -20.45 5.97 20.49
N THR B 213 -20.16 4.82 19.89
CA THR B 213 -20.66 4.47 18.56
C THR B 213 -21.23 3.05 18.54
N GLU B 214 -22.21 2.83 17.68
CA GLU B 214 -22.72 1.47 17.36
C GLU B 214 -21.60 0.54 16.82
N GLY B 215 -20.70 1.07 15.98
CA GLY B 215 -19.58 0.24 15.47
C GLY B 215 -18.78 -0.33 16.64
N LEU B 216 -18.31 0.52 17.55
CA LEU B 216 -17.62 -0.03 18.73
C LEU B 216 -18.47 -1.04 19.50
N ARG B 217 -19.72 -0.70 19.79
CA ARG B 217 -20.60 -1.63 20.53
C ARG B 217 -20.72 -3.03 19.92
N ARG B 218 -20.95 -3.12 18.60
CA ARG B 218 -21.05 -4.41 17.86
C ARG B 218 -19.74 -5.09 17.66
N LEU B 219 -18.68 -4.34 17.45
CA LEU B 219 -17.43 -4.99 16.99
C LEU B 219 -16.34 -5.06 18.04
N GLY B 220 -16.50 -4.28 19.09
CA GLY B 220 -15.39 -4.07 19.97
C GLY B 220 -15.11 -5.29 20.77
N GLY B 221 -16.11 -6.16 20.84
CA GLY B 221 -16.06 -7.34 21.68
C GLY B 221 -16.14 -7.07 23.18
N PRO B 222 -15.75 -8.07 23.98
CA PRO B 222 -15.71 -7.94 25.46
C PRO B 222 -14.79 -6.79 25.97
N GLN B 223 -15.22 -6.17 27.08
CA GLN B 223 -14.58 -5.00 27.67
C GLN B 223 -13.13 -5.25 28.02
N ALA B 224 -12.88 -6.40 28.66
CA ALA B 224 -11.57 -6.72 29.21
C ALA B 224 -10.58 -6.91 28.08
N SER B 225 -10.97 -7.73 27.10
CA SER B 225 -10.15 -7.97 25.90
C SER B 225 -9.93 -6.71 25.05
N LEU B 226 -10.95 -5.84 24.98
CA LEU B 226 -10.83 -4.58 24.26
C LEU B 226 -9.83 -3.70 24.97
N SER B 227 -9.99 -3.55 26.29
CA SER B 227 -9.09 -2.69 27.07
C SER B 227 -7.67 -3.07 26.86
N THR B 228 -7.39 -4.38 26.85
CA THR B 228 -6.04 -4.86 26.63
C THR B 228 -5.48 -4.37 25.28
N LYS B 229 -6.23 -4.62 24.21
CA LYS B 229 -5.80 -4.20 22.88
C LYS B 229 -5.71 -2.67 22.75
N VAL B 230 -6.67 -1.93 23.31
CA VAL B 230 -6.58 -0.46 23.33
C VAL B 230 -5.33 -0.01 24.12
N THR B 231 -5.12 -0.59 25.29
CA THR B 231 -3.94 -0.24 26.12
C THR B 231 -2.62 -0.57 25.44
N ALA B 232 -2.62 -1.56 24.54
CA ALA B 232 -1.41 -1.88 23.85
C ALA B 232 -1.26 -1.16 22.49
N SER B 233 -2.22 -0.29 22.11
CA SER B 233 -2.13 0.50 20.88
C SER B 233 -1.35 1.80 21.16
N PRO B 234 -0.85 2.50 20.10
CA PRO B 234 0.17 3.51 20.32
C PRO B 234 -0.26 4.66 21.27
N LEU B 235 -1.48 5.16 21.11
CA LEU B 235 -1.98 6.30 21.89
C LEU B 235 -2.67 5.78 23.13
N GLN B 236 -2.73 4.46 23.25
CA GLN B 236 -3.22 3.82 24.48
C GLN B 236 -4.68 4.16 24.85
N ARG B 237 -5.48 4.63 23.88
CA ARG B 237 -6.88 4.94 24.13
C ARG B 237 -7.70 4.80 22.84
N LEU B 238 -9.03 4.71 23.01
CA LEU B 238 -10.00 4.83 21.92
C LEU B 238 -10.05 6.26 21.43
N GLY B 239 -10.37 6.44 20.15
CA GLY B 239 -10.62 7.78 19.61
C GLY B 239 -12.02 8.18 20.03
N ASN B 240 -12.35 9.46 19.94
CA ASN B 240 -13.71 9.82 20.15
C ASN B 240 -14.30 10.48 18.92
N LYS B 241 -15.62 10.65 18.93
CA LYS B 241 -16.33 11.13 17.76
C LYS B 241 -15.97 12.55 17.37
N THR B 242 -15.65 13.38 18.35
CA THR B 242 -15.25 14.73 18.05
C THR B 242 -13.90 14.78 17.29
N GLU B 243 -12.96 13.95 17.69
CA GLU B 243 -11.64 13.90 17.01
C GLU B 243 -11.79 13.52 15.55
N ILE B 244 -12.64 12.52 15.29
CA ILE B 244 -12.93 12.11 13.92
C ILE B 244 -13.59 13.24 13.14
N ALA B 245 -14.52 13.95 13.79
CA ALA B 245 -15.20 15.11 13.18
C ALA B 245 -14.24 16.22 12.79
N HIS B 246 -13.22 16.47 13.63
CA HIS B 246 -12.18 17.43 13.36
C HIS B 246 -11.41 17.13 12.08
N SER B 247 -11.04 15.86 11.91
CA SER B 247 -10.30 15.35 10.74
C SER B 247 -11.20 15.45 9.49
N VAL B 248 -12.42 14.96 9.63
CA VAL B 248 -13.39 15.08 8.53
C VAL B 248 -13.61 16.58 8.17
N LEU B 249 -13.76 17.44 9.17
CA LEU B 249 -13.92 18.87 8.85
C LEU B 249 -12.67 19.44 8.11
N TYR B 250 -11.48 19.07 8.58
CA TYR B 250 -10.26 19.50 7.94
C TYR B 250 -10.37 19.15 6.44
N LEU B 251 -10.66 17.87 6.15
CA LEU B 251 -10.74 17.38 4.74
C LEU B 251 -11.88 18.06 3.93
N ALA B 252 -12.96 18.40 4.60
CA ALA B 252 -14.13 18.98 3.89
C ALA B 252 -13.94 20.50 3.63
N SER B 253 -12.85 21.09 4.15
CA SER B 253 -12.71 22.54 4.22
C SER B 253 -11.62 23.11 3.33
N PRO B 254 -11.59 24.46 3.23
CA PRO B 254 -10.58 25.13 2.47
C PRO B 254 -9.15 24.92 2.97
N LEU B 255 -8.95 24.51 4.23
CA LEU B 255 -7.63 24.12 4.66
C LEU B 255 -7.07 22.91 3.88
N ALA B 256 -7.91 22.11 3.29
CA ALA B 256 -7.45 20.95 2.50
C ALA B 256 -7.61 21.20 0.98
N SER B 257 -7.53 22.46 0.54
CA SER B 257 -7.71 22.83 -0.89
C SER B 257 -6.82 22.02 -1.85
N TYR B 258 -5.65 21.57 -1.40
CA TYR B 258 -4.78 20.85 -2.31
C TYR B 258 -4.76 19.34 -2.08
N VAL B 259 -5.64 18.87 -1.22
CA VAL B 259 -5.74 17.45 -0.91
C VAL B 259 -6.89 16.75 -1.69
N THR B 260 -6.58 15.73 -2.49
CA THR B 260 -7.58 14.95 -3.20
C THR B 260 -7.00 13.60 -3.63
N GLY B 261 -7.84 12.57 -3.60
CA GLY B 261 -7.42 11.20 -3.91
C GLY B 261 -6.70 10.55 -2.75
N ALA B 262 -6.74 11.20 -1.55
CA ALA B 262 -5.97 10.78 -0.37
C ALA B 262 -6.83 9.98 0.62
N VAL B 263 -6.22 9.05 1.37
CA VAL B 263 -6.89 8.46 2.48
C VAL B 263 -6.18 8.93 3.77
N LEU B 264 -6.86 9.72 4.63
CA LEU B 264 -6.34 10.05 5.98
C LEU B 264 -6.77 8.99 7.03
N VAL B 265 -5.78 8.30 7.61
CA VAL B 265 -6.03 7.41 8.70
C VAL B 265 -5.96 8.17 10.04
N ALA B 266 -7.03 8.05 10.80
CA ALA B 266 -7.12 8.72 12.08
C ALA B 266 -7.56 7.60 13.01
N ASP B 267 -6.63 6.89 13.56
CA ASP B 267 -6.93 5.71 14.36
C ASP B 267 -5.99 5.56 15.54
N GLY B 268 -5.22 6.58 15.81
CA GLY B 268 -4.36 6.52 16.97
C GLY B 268 -3.32 5.44 16.80
N GLY B 269 -3.01 5.08 15.54
CA GLY B 269 -2.09 3.99 15.30
C GLY B 269 -2.62 2.59 15.51
N ALA B 270 -3.93 2.45 15.79
CA ALA B 270 -4.57 1.16 16.14
C ALA B 270 -4.35 0.01 15.13
N TRP B 271 -4.47 0.29 13.82
CA TRP B 271 -4.25 -0.80 12.86
C TRP B 271 -2.84 -1.33 12.87
N LEU B 272 -1.88 -0.52 13.33
CA LEU B 272 -0.50 -1.01 13.43
C LEU B 272 -0.28 -2.11 14.47
N THR B 273 -1.08 -2.15 15.53
CA THR B 273 -0.82 -3.02 16.72
C THR B 273 -2.01 -3.93 17.11
N PHE B 274 -3.23 -3.63 16.67
CA PHE B 274 -4.35 -4.42 17.12
C PHE B 274 -4.17 -5.89 16.71
N PRO B 275 -4.62 -6.81 17.59
CA PRO B 275 -4.46 -8.22 17.24
C PRO B 275 -5.35 -8.59 16.07
N ASN B 276 -4.93 -9.54 15.25
CA ASN B 276 -5.79 -10.08 14.23
C ASN B 276 -5.89 -11.57 14.54
N GLY B 277 -6.67 -11.86 15.60
CA GLY B 277 -6.80 -13.21 16.18
C GLY B 277 -7.56 -14.13 15.25
N ALA C 1 -0.31 -29.45 5.78
CA ALA C 1 0.47 -29.63 4.50
C ALA C 1 1.96 -29.48 4.78
N GLN C 2 2.72 -30.47 4.33
CA GLN C 2 4.17 -30.55 4.56
C GLN C 2 4.92 -29.59 3.66
N PRO C 3 5.69 -28.67 4.26
CA PRO C 3 6.67 -27.93 3.51
C PRO C 3 7.76 -28.85 2.91
N PRO C 4 8.46 -28.38 1.86
CA PRO C 4 9.62 -29.11 1.36
C PRO C 4 10.72 -29.22 2.46
N PRO C 5 11.61 -30.21 2.36
CA PRO C 5 12.64 -30.42 3.40
C PRO C 5 13.58 -29.23 3.54
N ASP C 6 14.09 -29.04 4.75
CA ASP C 6 15.10 -28.00 5.00
C ASP C 6 16.05 -28.58 6.07
N VAL C 7 17.25 -28.01 6.21
CA VAL C 7 18.16 -28.31 7.32
C VAL C 7 18.44 -26.97 8.03
N GLU C 8 18.36 -26.99 9.35
CA GLU C 8 18.64 -25.86 10.27
C GLU C 8 19.98 -25.15 9.95
N GLY C 9 21.05 -25.91 9.69
CA GLY C 9 22.34 -25.27 9.54
C GLY C 9 22.63 -24.84 8.10
N ASP C 10 23.81 -24.26 7.90
CA ASP C 10 24.31 -23.87 6.58
C ASP C 10 24.97 -25.08 5.92
N ASP C 11 24.19 -26.16 5.85
CA ASP C 11 24.51 -27.33 5.04
C ASP C 11 23.43 -27.59 3.97
N CYS C 12 23.85 -28.31 2.93
CA CYS C 12 22.95 -28.70 1.84
C CYS C 12 21.99 -29.79 2.25
N LEU C 13 20.86 -29.87 1.53
CA LEU C 13 19.81 -30.82 1.78
C LEU C 13 20.31 -32.22 1.41
N PRO C 14 19.93 -33.22 2.19
CA PRO C 14 20.46 -34.53 1.85
C PRO C 14 19.70 -35.16 0.69
N ALA C 15 18.48 -34.72 0.42
CA ALA C 15 17.70 -35.17 -0.77
C ALA C 15 16.85 -34.01 -1.25
N TYR C 16 16.45 -34.07 -2.51
CA TYR C 16 15.60 -33.03 -3.06
C TYR C 16 14.75 -33.50 -4.21
N ARG C 17 13.44 -33.33 -4.09
CA ARG C 17 12.58 -33.63 -5.22
C ARG C 17 12.20 -32.37 -6.00
N HIS C 18 12.45 -32.42 -7.30
CA HIS C 18 12.16 -31.31 -8.17
C HIS C 18 10.69 -31.08 -8.37
N LEU C 19 10.32 -29.79 -8.40
CA LEU C 19 8.99 -29.36 -8.76
C LEU C 19 9.08 -28.40 -9.96
N PHE C 20 10.08 -27.51 -9.97
CA PHE C 20 10.54 -26.87 -11.19
C PHE C 20 11.40 -27.91 -11.98
N CYS C 21 11.41 -27.84 -13.31
CA CYS C 21 12.37 -28.68 -14.09
C CYS C 21 13.82 -28.47 -13.64
N PRO C 22 14.59 -29.55 -13.55
CA PRO C 22 15.99 -29.42 -13.15
C PRO C 22 16.81 -28.59 -14.11
N ASP C 23 16.35 -28.35 -15.34
CA ASP C 23 17.12 -27.45 -16.20
C ASP C 23 16.56 -26.01 -16.23
N LEU C 24 15.73 -25.63 -15.28
CA LEU C 24 15.15 -24.28 -15.30
C LEU C 24 16.19 -23.19 -15.50
N LEU C 25 17.32 -23.28 -14.82
CA LEU C 25 18.38 -22.30 -15.04
C LEU C 25 19.68 -22.94 -15.59
N ARG C 26 19.53 -23.90 -16.51
CA ARG C 26 20.66 -24.67 -17.02
C ARG C 26 21.84 -23.77 -17.47
N ASP C 27 23.01 -23.92 -16.82
CA ASP C 27 24.24 -23.14 -17.23
C ASP C 27 24.15 -21.63 -17.11
N LYS C 28 23.20 -21.14 -16.33
CA LYS C 28 23.16 -19.71 -16.09
C LYS C 28 24.10 -19.45 -14.94
N VAL C 29 24.32 -18.16 -14.67
CA VAL C 29 25.17 -17.77 -13.53
C VAL C 29 24.43 -16.76 -12.65
N ALA C 30 24.43 -17.01 -11.35
CA ALA C 30 23.77 -16.08 -10.45
C ALA C 30 24.77 -15.54 -9.41
N PHE C 31 24.70 -14.23 -9.19
CA PHE C 31 25.56 -13.56 -8.20
C PHE C 31 24.66 -13.29 -6.95
N ILE C 32 25.04 -13.85 -5.81
CA ILE C 32 24.22 -13.82 -4.60
C ILE C 32 25.04 -13.19 -3.44
N THR C 33 24.66 -12.00 -2.98
CA THR C 33 25.33 -11.43 -1.85
C THR C 33 24.76 -12.14 -0.62
N GLY C 34 25.63 -12.47 0.32
CA GLY C 34 25.15 -13.23 1.47
C GLY C 34 24.86 -14.68 1.19
N GLY C 35 25.38 -15.20 0.09
CA GLY C 35 25.18 -16.61 -0.29
C GLY C 35 25.94 -17.63 0.57
N GLY C 36 26.72 -17.18 1.57
CA GLY C 36 27.38 -18.13 2.47
C GLY C 36 26.65 -18.57 3.75
N SER C 37 25.49 -17.97 4.07
CA SER C 37 24.73 -18.43 5.26
C SER C 37 23.25 -18.23 5.02
N GLY C 38 22.46 -18.86 5.88
CA GLY C 38 21.05 -18.60 6.00
C GLY C 38 20.29 -18.74 4.70
N ILE C 39 19.34 -17.84 4.48
CA ILE C 39 18.51 -17.85 3.22
C ILE C 39 19.38 -17.83 1.99
N GLY C 40 20.44 -17.01 1.98
CA GLY C 40 21.24 -16.85 0.74
C GLY C 40 21.98 -18.14 0.38
N PHE C 41 22.37 -18.91 1.42
CA PHE C 41 23.04 -20.21 1.23
C PHE C 41 22.04 -21.16 0.58
N ARG C 42 20.82 -21.23 1.12
CA ARG C 42 19.82 -22.14 0.57
C ARG C 42 19.40 -21.70 -0.85
N ILE C 43 19.29 -20.39 -1.09
CA ILE C 43 19.07 -19.85 -2.46
C ILE C 43 20.12 -20.36 -3.41
N ALA C 44 21.40 -20.20 -3.06
CA ALA C 44 22.48 -20.72 -3.88
C ALA C 44 22.32 -22.22 -4.17
N GLU C 45 22.07 -23.02 -3.13
CA GLU C 45 21.88 -24.45 -3.31
C GLU C 45 20.75 -24.76 -4.31
N ILE C 46 19.55 -24.20 -4.06
CA ILE C 46 18.39 -24.50 -4.91
C ILE C 46 18.65 -24.06 -6.36
N PHE C 47 19.27 -22.91 -6.56
CA PHE C 47 19.67 -22.49 -7.93
C PHE C 47 20.60 -23.51 -8.64
N MET C 48 21.58 -23.98 -7.88
CA MET C 48 22.55 -24.93 -8.40
C MET C 48 21.86 -26.26 -8.65
N ARG C 49 20.87 -26.62 -7.82
CA ARG C 49 20.06 -27.80 -8.14
C ARG C 49 19.16 -27.65 -9.41
N HIS C 50 19.01 -26.43 -9.95
CA HIS C 50 18.30 -26.23 -11.21
C HIS C 50 19.29 -25.83 -12.31
N GLY C 51 20.52 -26.29 -12.21
CA GLY C 51 21.44 -26.06 -13.32
C GLY C 51 22.31 -24.81 -13.27
N CYS C 52 22.12 -23.95 -12.27
CA CYS C 52 22.77 -22.63 -12.28
C CYS C 52 24.16 -22.75 -11.62
N HIS C 53 25.18 -22.06 -12.14
CA HIS C 53 26.42 -21.81 -11.34
C HIS C 53 26.21 -20.61 -10.44
N THR C 54 26.95 -20.51 -9.31
CA THR C 54 26.80 -19.30 -8.47
C THR C 54 28.13 -18.63 -8.13
N VAL C 55 28.02 -17.34 -7.81
CA VAL C 55 29.07 -16.56 -7.19
C VAL C 55 28.45 -16.16 -5.87
N ILE C 56 29.09 -16.49 -4.76
CA ILE C 56 28.57 -16.09 -3.46
C ILE C 56 29.58 -15.11 -2.86
N ALA C 57 29.08 -13.99 -2.37
CA ALA C 57 29.90 -12.82 -2.02
C ALA C 57 29.40 -12.24 -0.66
N SER C 58 30.32 -12.13 0.30
CA SER C 58 30.02 -11.45 1.56
C SER C 58 31.35 -11.14 2.24
N ARG C 59 31.32 -10.51 3.40
CA ARG C 59 32.58 -10.05 4.03
C ARG C 59 33.59 -11.18 4.33
N SER C 60 33.10 -12.26 4.92
CA SER C 60 33.92 -13.24 5.52
C SER C 60 34.34 -14.30 4.53
N LEU C 61 35.63 -14.26 4.12
CA LEU C 61 36.21 -15.23 3.21
C LEU C 61 36.14 -16.67 3.74
N PRO C 62 36.47 -16.92 5.05
CA PRO C 62 36.20 -18.30 5.56
C PRO C 62 34.74 -18.79 5.37
N ARG C 63 33.76 -17.94 5.66
CA ARG C 63 32.36 -18.33 5.52
C ARG C 63 32.02 -18.76 4.07
N VAL C 64 32.38 -17.95 3.08
CA VAL C 64 32.03 -18.27 1.69
C VAL C 64 32.86 -19.46 1.14
N LEU C 65 34.08 -19.65 1.63
CA LEU C 65 34.85 -20.83 1.23
C LEU C 65 34.24 -22.09 1.77
N THR C 66 33.87 -22.08 3.05
CA THR C 66 33.23 -23.25 3.61
C THR C 66 31.95 -23.52 2.80
N ALA C 67 31.15 -22.48 2.59
CA ALA C 67 29.88 -22.61 1.83
C ALA C 67 30.14 -23.10 0.43
N ALA C 68 31.10 -22.51 -0.27
CA ALA C 68 31.32 -22.89 -1.69
C ALA C 68 31.67 -24.39 -1.88
N ARG C 69 32.53 -24.94 -1.00
CA ARG C 69 32.85 -26.35 -1.04
C ARG C 69 31.62 -27.24 -0.88
N LYS C 70 30.80 -26.96 0.15
CA LYS C 70 29.54 -27.71 0.33
C LYS C 70 28.64 -27.58 -0.94
N LEU C 71 28.48 -26.37 -1.46
CA LEU C 71 27.52 -26.18 -2.58
C LEU C 71 27.91 -26.94 -3.86
N ALA C 72 29.10 -26.70 -4.39
CA ALA C 72 29.66 -27.56 -5.48
C ALA C 72 29.58 -29.07 -5.23
N GLY C 73 29.98 -29.51 -4.02
CA GLY C 73 29.94 -30.96 -3.68
C GLY C 73 28.54 -31.58 -3.73
N ALA C 74 27.53 -30.89 -3.19
CA ALA C 74 26.19 -31.41 -3.24
C ALA C 74 25.51 -31.32 -4.61
N THR C 75 25.98 -30.48 -5.53
CA THR C 75 25.17 -30.20 -6.70
C THR C 75 25.86 -30.44 -8.00
N GLY C 76 27.16 -30.64 -8.01
CA GLY C 76 27.84 -30.78 -9.28
C GLY C 76 27.90 -29.47 -10.03
N ARG C 77 27.53 -28.34 -9.42
CA ARG C 77 27.72 -27.04 -10.12
C ARG C 77 28.88 -26.26 -9.52
N ARG C 78 29.31 -25.22 -10.24
CA ARG C 78 30.44 -24.39 -9.85
C ARG C 78 29.93 -23.29 -8.95
N CYS C 79 30.65 -23.08 -7.84
CA CYS C 79 30.43 -21.97 -6.90
C CYS C 79 31.74 -21.19 -6.65
N LEU C 80 31.77 -19.93 -7.04
CA LEU C 80 32.91 -19.02 -6.77
C LEU C 80 32.68 -18.20 -5.48
N PRO C 81 33.51 -18.45 -4.45
CA PRO C 81 33.40 -17.66 -3.22
C PRO C 81 34.23 -16.40 -3.25
N LEU C 82 33.67 -15.25 -2.84
CA LEU C 82 34.34 -13.96 -2.95
C LEU C 82 34.07 -13.12 -1.70
N SER C 83 35.11 -12.43 -1.24
CA SER C 83 35.00 -11.64 -0.08
C SER C 83 34.81 -10.23 -0.55
N MET C 84 33.74 -9.58 -0.11
CA MET C 84 33.35 -8.31 -0.69
C MET C 84 32.35 -7.72 0.29
N ASP C 85 32.55 -6.47 0.69
CA ASP C 85 31.57 -5.70 1.46
C ASP C 85 30.76 -4.91 0.45
N VAL C 86 29.44 -5.03 0.54
CA VAL C 86 28.49 -4.34 -0.41
C VAL C 86 28.57 -2.78 -0.27
N ARG C 87 29.16 -2.30 0.83
CA ARG C 87 29.27 -0.86 1.09
C ARG C 87 30.48 -0.25 0.43
N ALA C 88 31.37 -1.09 -0.11
CA ALA C 88 32.66 -0.63 -0.61
C ALA C 88 32.70 -0.84 -2.13
N PRO C 89 32.24 0.17 -2.89
CA PRO C 89 32.20 0.01 -4.35
C PRO C 89 33.52 -0.46 -5.07
N PRO C 90 34.74 -0.10 -4.58
CA PRO C 90 35.88 -0.77 -5.25
C PRO C 90 35.90 -2.32 -5.08
N ALA C 91 35.50 -2.80 -3.90
CA ALA C 91 35.45 -4.23 -3.62
C ALA C 91 34.36 -4.90 -4.49
N VAL C 92 33.19 -4.28 -4.59
CA VAL C 92 32.09 -4.78 -5.47
C VAL C 92 32.51 -4.84 -6.95
N MET C 93 33.11 -3.77 -7.44
CA MET C 93 33.69 -3.73 -8.78
C MET C 93 34.75 -4.81 -9.08
N ALA C 94 35.71 -4.99 -8.18
CA ALA C 94 36.66 -6.11 -8.32
C ALA C 94 35.93 -7.48 -8.21
N ALA C 95 34.94 -7.63 -7.35
CA ALA C 95 34.30 -8.95 -7.24
C ALA C 95 33.49 -9.27 -8.52
N VAL C 96 32.87 -8.26 -9.09
CA VAL C 96 32.08 -8.46 -10.28
C VAL C 96 33.02 -8.77 -11.48
N ASP C 97 34.15 -8.06 -11.63
CA ASP C 97 35.16 -8.42 -12.66
C ASP C 97 35.66 -9.83 -12.57
N GLN C 98 36.04 -10.25 -11.37
CA GLN C 98 36.48 -11.60 -11.14
C GLN C 98 35.42 -12.63 -11.52
N ALA C 99 34.18 -12.36 -11.16
CA ALA C 99 33.09 -13.29 -11.50
C ALA C 99 32.90 -13.41 -13.03
N LEU C 100 32.92 -12.27 -13.71
CA LEU C 100 32.82 -12.24 -15.16
C LEU C 100 34.05 -12.88 -15.82
N LYS C 101 35.25 -12.72 -15.27
CA LYS C 101 36.39 -13.39 -15.87
C LYS C 101 36.22 -14.91 -15.73
N GLU C 102 35.80 -15.37 -14.54
CA GLU C 102 35.59 -16.80 -14.25
C GLU C 102 34.52 -17.45 -15.19
N PHE C 103 33.39 -16.78 -15.35
CA PHE C 103 32.20 -17.37 -15.96
C PHE C 103 31.80 -16.75 -17.31
N GLY C 104 32.27 -15.55 -17.62
CA GLY C 104 31.94 -14.85 -18.89
C GLY C 104 30.56 -14.24 -19.02
N ARG C 105 29.67 -14.55 -18.07
CA ARG C 105 28.35 -14.00 -17.99
C ARG C 105 27.84 -13.99 -16.57
N ILE C 106 26.90 -13.10 -16.29
CA ILE C 106 26.12 -13.21 -15.04
C ILE C 106 24.67 -12.98 -15.45
N ASP C 107 23.78 -13.89 -15.13
CA ASP C 107 22.39 -13.75 -15.55
C ASP C 107 21.49 -13.17 -14.46
N ILE C 108 21.85 -13.41 -13.21
CA ILE C 108 20.89 -13.12 -12.10
C ILE C 108 21.67 -12.51 -10.99
N LEU C 109 21.11 -11.48 -10.37
CA LEU C 109 21.68 -10.92 -9.15
C LEU C 109 20.65 -11.10 -8.04
N ILE C 110 21.07 -11.70 -6.92
CA ILE C 110 20.22 -11.81 -5.73
C ILE C 110 20.86 -10.93 -4.63
N ASN C 111 20.21 -9.81 -4.24
CA ASN C 111 20.64 -9.00 -3.13
C ASN C 111 20.11 -9.51 -1.79
N CYS C 112 20.91 -10.34 -1.15
CA CYS C 112 20.48 -11.02 0.03
C CYS C 112 21.23 -10.49 1.27
N ALA C 113 22.37 -9.82 1.07
CA ALA C 113 23.16 -9.33 2.21
C ALA C 113 22.37 -8.33 3.09
N ALA C 114 22.51 -8.39 4.42
CA ALA C 114 21.81 -7.42 5.29
C ALA C 114 22.33 -7.55 6.69
N GLY C 115 21.92 -6.59 7.51
CA GLY C 115 22.21 -6.61 8.89
C GLY C 115 21.01 -6.24 9.73
N ASN C 116 20.85 -6.88 10.88
CA ASN C 116 19.72 -6.61 11.72
C ASN C 116 19.99 -7.00 13.16
N PHE C 117 19.22 -6.39 14.08
CA PHE C 117 19.25 -6.73 15.49
C PHE C 117 18.07 -6.02 16.12
N LEU C 118 17.62 -6.51 17.26
CA LEU C 118 16.57 -5.82 18.01
C LEU C 118 17.14 -4.61 18.76
N CYS C 119 16.49 -3.45 18.62
CA CYS C 119 16.86 -2.32 19.44
C CYS C 119 15.77 -1.27 19.44
N PRO C 120 15.38 -0.78 20.64
CA PRO C 120 14.40 0.30 20.71
C PRO C 120 14.93 1.54 20.03
N ALA C 121 14.08 2.19 19.27
CA ALA C 121 14.46 3.39 18.52
C ALA C 121 15.06 4.47 19.43
N GLY C 122 14.54 4.60 20.66
CA GLY C 122 15.12 5.52 21.65
C GLY C 122 16.50 5.18 22.21
N ALA C 123 16.91 3.90 22.19
CA ALA C 123 18.29 3.51 22.53
C ALA C 123 19.19 3.33 21.30
N LEU C 124 18.64 3.35 20.07
CA LEU C 124 19.48 3.07 18.90
C LEU C 124 20.42 4.25 18.65
N SER C 125 21.73 4.01 18.53
CA SER C 125 22.64 5.11 18.14
C SER C 125 22.48 5.51 16.69
N PHE C 126 22.91 6.73 16.39
CA PHE C 126 22.94 7.26 15.03
C PHE C 126 23.76 6.35 14.09
N ASN C 127 24.90 5.89 14.59
CA ASN C 127 25.77 5.00 13.82
C ASN C 127 25.04 3.69 13.60
N ALA C 128 24.33 3.19 14.61
CA ALA C 128 23.65 1.91 14.43
C ALA C 128 22.59 1.98 13.33
N PHE C 129 21.74 3.01 13.38
CA PHE C 129 20.73 3.24 12.36
C PHE C 129 21.37 3.32 11.01
N LYS C 130 22.41 4.13 10.88
CA LYS C 130 23.01 4.39 9.56
C LYS C 130 23.72 3.15 9.00
N THR C 131 24.31 2.32 9.89
CA THR C 131 25.00 1.15 9.41
C THR C 131 24.04 0.20 8.67
N VAL C 132 22.84 0.02 9.22
CA VAL C 132 21.83 -0.85 8.61
C VAL C 132 21.37 -0.31 7.27
N MET C 133 21.21 1.03 7.20
CA MET C 133 20.84 1.74 5.98
CA MET C 133 20.79 1.64 5.97
C MET C 133 21.89 1.45 4.93
N ASP C 134 23.15 1.49 5.36
CA ASP C 134 24.28 1.40 4.47
C ASP C 134 24.37 0.00 3.83
N ILE C 135 24.20 -1.05 4.64
CA ILE C 135 24.37 -2.42 4.18
C ILE C 135 23.15 -2.85 3.34
N ASP C 136 21.94 -2.60 3.85
CA ASP C 136 20.71 -3.05 3.16
C ASP C 136 20.43 -2.17 1.93
N THR C 137 20.24 -0.87 2.17
CA THR C 137 19.86 0.02 1.09
C THR C 137 21.00 0.43 0.17
N SER C 138 22.04 1.09 0.69
CA SER C 138 23.14 1.52 -0.16
C SER C 138 23.90 0.32 -0.76
N GLY C 139 24.02 -0.79 -0.02
CA GLY C 139 24.74 -1.95 -0.56
C GLY C 139 23.96 -2.62 -1.71
N THR C 140 22.64 -2.68 -1.56
CA THR C 140 21.85 -3.20 -2.65
C THR C 140 21.89 -2.34 -3.86
N PHE C 141 21.81 -1.03 -3.70
CA PHE C 141 22.04 -0.09 -4.78
C PHE C 141 23.42 -0.28 -5.43
N ASN C 142 24.50 -0.31 -4.63
CA ASN C 142 25.85 -0.41 -5.14
C ASN C 142 25.99 -1.64 -5.98
N VAL C 143 25.54 -2.79 -5.48
CA VAL C 143 25.72 -4.05 -6.24
C VAL C 143 24.88 -4.05 -7.53
N SER C 144 23.63 -3.63 -7.46
CA SER C 144 22.78 -3.47 -8.66
C SER C 144 23.40 -2.54 -9.66
N ARG C 145 23.91 -1.43 -9.16
CA ARG C 145 24.54 -0.39 -10.00
C ARG C 145 25.80 -0.92 -10.70
N VAL C 146 26.61 -1.69 -9.96
CA VAL C 146 27.82 -2.21 -10.56
C VAL C 146 27.48 -3.30 -11.57
N LEU C 147 26.54 -4.19 -11.26
CA LEU C 147 26.09 -5.17 -12.23
C LEU C 147 25.54 -4.59 -13.52
N TYR C 148 24.80 -3.48 -13.36
CA TYR C 148 24.23 -2.76 -14.50
C TYR C 148 25.34 -2.33 -15.47
N GLU C 149 26.29 -1.59 -14.91
CA GLU C 149 27.41 -1.07 -15.67
C GLU C 149 28.26 -2.15 -16.35
N LYS C 150 28.68 -3.16 -15.59
CA LYS C 150 29.52 -4.23 -16.09
C LYS C 150 28.88 -5.35 -16.94
N PHE C 151 27.57 -5.53 -16.92
CA PHE C 151 26.93 -6.54 -17.72
C PHE C 151 25.48 -6.33 -18.06
N PHE C 152 24.61 -5.97 -17.11
CA PHE C 152 23.19 -6.06 -17.38
C PHE C 152 22.71 -5.00 -18.40
N ARG C 153 23.33 -3.83 -18.37
CA ARG C 153 22.88 -2.76 -19.24
C ARG C 153 22.95 -3.28 -20.70
N ASP C 154 23.99 -4.08 -21.00
CA ASP C 154 24.22 -4.49 -22.39
C ASP C 154 23.62 -5.82 -22.70
N HIS C 155 23.34 -6.63 -21.68
CA HIS C 155 22.92 -8.03 -21.89
C HIS C 155 21.59 -8.42 -21.26
N GLY C 156 20.95 -7.53 -20.51
CA GLY C 156 19.72 -7.88 -19.76
C GLY C 156 20.10 -8.63 -18.50
N GLY C 157 19.14 -8.93 -17.66
CA GLY C 157 19.40 -9.79 -16.51
C GLY C 157 18.19 -9.72 -15.64
N VAL C 158 18.26 -10.30 -14.45
CA VAL C 158 17.14 -10.29 -13.55
C VAL C 158 17.72 -9.97 -12.18
N ILE C 159 17.07 -9.05 -11.46
CA ILE C 159 17.44 -8.83 -10.08
C ILE C 159 16.31 -9.28 -9.16
N VAL C 160 16.66 -9.97 -8.07
CA VAL C 160 15.69 -10.19 -7.00
C VAL C 160 16.28 -9.54 -5.74
N ASN C 161 15.53 -8.61 -5.14
CA ASN C 161 15.92 -8.01 -3.83
C ASN C 161 15.24 -8.73 -2.65
N ILE C 162 16.01 -9.14 -1.64
CA ILE C 162 15.40 -9.83 -0.53
C ILE C 162 15.06 -8.76 0.52
N THR C 163 13.80 -8.53 0.75
CA THR C 163 13.39 -7.50 1.65
C THR C 163 12.70 -8.01 2.91
N ALA C 164 11.62 -7.39 3.37
CA ALA C 164 10.98 -7.78 4.65
C ALA C 164 9.62 -7.10 4.67
N THR C 165 8.78 -7.47 5.64
CA THR C 165 7.54 -6.76 5.84
C THR C 165 7.56 -5.81 7.01
N LEU C 166 8.71 -5.70 7.69
CA LEU C 166 8.84 -4.89 8.93
C LEU C 166 8.22 -3.49 8.88
N GLY C 167 8.35 -2.80 7.75
CA GLY C 167 7.96 -1.41 7.69
C GLY C 167 6.47 -1.21 7.47
N ASN C 168 5.74 -2.25 7.03
CA ASN C 168 4.30 -2.16 6.74
C ASN C 168 3.58 -1.67 8.00
N ARG C 169 3.86 -2.30 9.14
CA ARG C 169 3.19 -1.94 10.39
C ARG C 169 4.11 -1.17 11.38
N GLY C 170 5.36 -0.90 11.01
CA GLY C 170 6.23 -0.24 11.99
C GLY C 170 6.62 -1.14 13.15
N GLN C 171 7.09 -2.31 12.80
CA GLN C 171 7.40 -3.32 13.79
C GLN C 171 8.36 -2.79 14.86
N ALA C 172 7.96 -2.87 16.13
CA ALA C 172 8.78 -2.45 17.30
C ALA C 172 10.16 -3.08 17.29
N LEU C 173 11.13 -2.27 17.71
CA LEU C 173 12.53 -2.70 17.95
C LEU C 173 13.29 -2.79 16.61
N GLN C 174 12.65 -2.27 15.56
CA GLN C 174 13.09 -2.53 14.19
C GLN C 174 13.09 -1.34 13.20
N VAL C 175 13.08 -0.11 13.71
CA VAL C 175 13.04 1.10 12.86
C VAL C 175 14.11 1.11 11.71
N HIS C 176 15.34 0.72 12.05
CA HIS C 176 16.48 0.63 11.12
C HIS C 176 16.21 -0.36 10.01
N ALA C 177 15.85 -1.58 10.32
CA ALA C 177 15.74 -2.61 9.28
C ALA C 177 14.48 -2.34 8.48
N GLY C 178 13.40 -1.95 9.18
CA GLY C 178 12.14 -1.73 8.51
C GLY C 178 12.24 -0.54 7.54
N SER C 179 12.94 0.51 7.97
CA SER C 179 13.21 1.68 7.10
C SER C 179 14.10 1.32 5.92
N ALA C 180 15.15 0.59 6.19
CA ALA C 180 16.10 0.15 5.14
C ALA C 180 15.39 -0.73 4.11
N LYS C 181 14.65 -1.73 4.59
CA LYS C 181 13.96 -2.62 3.67
C LYS C 181 12.82 -1.93 2.87
N ALA C 182 12.07 -1.03 3.48
CA ALA C 182 11.11 -0.24 2.71
C ALA C 182 11.76 0.57 1.59
N ALA C 183 12.95 1.13 1.83
CA ALA C 183 13.69 1.86 0.76
C ALA C 183 14.02 0.90 -0.42
N VAL C 184 14.41 -0.34 -0.05
CA VAL C 184 14.76 -1.30 -1.08
C VAL C 184 13.54 -1.65 -1.93
N ASP C 185 12.39 -1.77 -1.28
CA ASP C 185 11.15 -2.01 -2.00
C ASP C 185 10.84 -0.91 -2.99
N ALA C 186 11.05 0.36 -2.59
CA ALA C 186 10.90 1.46 -3.52
C ALA C 186 11.92 1.38 -4.63
N MET C 187 13.17 1.07 -4.26
CA MET C 187 14.24 0.95 -5.27
C MET C 187 13.86 -0.09 -6.33
N THR C 188 13.19 -1.17 -5.92
CA THR C 188 12.71 -2.21 -6.87
C THR C 188 11.84 -1.59 -8.00
N ARG C 189 10.86 -0.83 -7.61
CA ARG C 189 10.03 -0.10 -8.52
C ARG C 189 10.81 0.85 -9.44
N HIS C 190 11.70 1.62 -8.84
CA HIS C 190 12.55 2.58 -9.53
C HIS C 190 13.43 1.91 -10.59
N LEU C 191 14.13 0.85 -10.25
CA LEU C 191 14.99 0.18 -11.19
C LEU C 191 14.16 -0.55 -12.25
N ALA C 192 13.03 -1.12 -11.89
CA ALA C 192 12.22 -1.84 -12.88
C ALA C 192 11.77 -0.87 -13.94
N VAL C 193 11.39 0.33 -13.52
CA VAL C 193 10.97 1.37 -14.47
C VAL C 193 12.16 1.78 -15.37
N GLU C 194 13.34 2.04 -14.80
CA GLU C 194 14.40 2.63 -15.64
C GLU C 194 15.10 1.55 -16.46
N TRP C 195 15.21 0.33 -15.94
CA TRP C 195 16.02 -0.72 -16.51
C TRP C 195 15.26 -1.73 -17.30
N GLY C 196 13.93 -1.69 -17.20
CA GLY C 196 13.02 -2.52 -18.02
C GLY C 196 13.43 -2.50 -19.50
N PRO C 197 13.65 -1.29 -20.08
CA PRO C 197 13.99 -1.23 -21.54
C PRO C 197 15.32 -1.88 -21.90
N GLN C 198 16.15 -2.13 -20.89
CA GLN C 198 17.38 -2.81 -21.14
C GLN C 198 17.22 -4.28 -20.96
N ASN C 199 15.97 -4.73 -20.86
CA ASN C 199 15.71 -6.16 -20.69
C ASN C 199 16.14 -6.65 -19.31
N ILE C 200 15.88 -5.82 -18.30
CA ILE C 200 16.24 -6.19 -16.93
C ILE C 200 14.98 -6.18 -16.08
N ARG C 201 14.64 -7.26 -15.46
CA ARG C 201 13.52 -7.34 -14.52
C ARG C 201 14.01 -7.16 -13.09
N VAL C 202 13.29 -6.38 -12.30
CA VAL C 202 13.69 -6.24 -10.89
C VAL C 202 12.48 -6.44 -9.98
N ASN C 203 12.60 -7.33 -8.99
CA ASN C 203 11.54 -7.60 -8.03
C ASN C 203 12.05 -7.73 -6.60
N SER C 204 11.16 -7.52 -5.62
CA SER C 204 11.44 -7.89 -4.23
C SER C 204 10.77 -9.18 -3.82
N LEU C 205 11.42 -9.94 -3.00
CA LEU C 205 10.83 -11.02 -2.26
C LEU C 205 10.97 -10.76 -0.77
N ALA C 206 9.85 -10.73 -0.04
CA ALA C 206 9.90 -10.38 1.41
C ALA C 206 9.56 -11.62 2.25
N PRO C 207 10.56 -12.24 2.93
CA PRO C 207 10.26 -13.43 3.71
C PRO C 207 9.54 -13.13 5.05
N GLY C 208 8.87 -14.17 5.56
CA GLY C 208 8.33 -14.14 6.91
C GLY C 208 9.42 -14.63 7.85
N PRO C 209 9.03 -15.02 9.07
CA PRO C 209 9.98 -15.62 10.01
C PRO C 209 10.41 -17.01 9.53
N ILE C 210 11.72 -17.19 9.35
CA ILE C 210 12.31 -18.40 8.71
C ILE C 210 13.21 -19.23 9.67
N SER C 211 12.91 -20.52 9.81
CA SER C 211 13.73 -21.39 10.68
C SER C 211 15.14 -21.58 10.10
N GLY C 212 16.12 -21.85 10.97
CA GLY C 212 17.45 -22.11 10.48
C GLY C 212 18.22 -20.93 9.93
N THR C 213 17.91 -19.74 10.41
CA THR C 213 18.55 -18.52 9.93
C THR C 213 19.01 -17.63 11.08
N GLU C 214 20.10 -16.92 10.91
CA GLU C 214 20.58 -16.02 11.90
C GLU C 214 19.58 -14.93 12.22
N GLY C 215 18.77 -14.52 11.27
CA GLY C 215 17.71 -13.55 11.57
C GLY C 215 16.63 -14.02 12.54
N LEU C 216 16.18 -15.27 12.38
CA LEU C 216 15.34 -15.86 13.44
C LEU C 216 16.06 -16.03 14.81
N ARG C 217 17.28 -16.55 14.82
CA ARG C 217 18.11 -16.60 16.00
C ARG C 217 18.18 -15.29 16.72
N ARG C 218 18.44 -14.22 16.00
CA ARG C 218 18.62 -12.89 16.61
C ARG C 218 17.37 -12.14 16.90
N LEU C 219 16.36 -12.35 16.08
CA LEU C 219 15.20 -11.51 16.14
C LEU C 219 13.94 -12.16 16.68
N GLY C 220 13.85 -13.50 16.64
CA GLY C 220 12.62 -14.22 16.97
C GLY C 220 12.22 -14.08 18.42
N GLY C 221 13.21 -13.75 19.26
CA GLY C 221 12.99 -13.57 20.69
C GLY C 221 12.96 -14.91 21.40
N PRO C 222 12.39 -14.95 22.64
CA PRO C 222 12.28 -16.19 23.45
C PRO C 222 11.39 -17.24 22.77
N GLN C 223 11.82 -18.50 22.82
CA GLN C 223 11.11 -19.63 22.21
C GLN C 223 9.61 -19.77 22.48
N ALA C 224 9.21 -19.76 23.76
CA ALA C 224 7.79 -19.91 24.13
C ALA C 224 6.93 -18.80 23.51
N SER C 225 7.33 -17.53 23.68
CA SER C 225 6.58 -16.41 23.10
C SER C 225 6.66 -16.37 21.54
N LEU C 226 7.77 -16.83 20.96
CA LEU C 226 7.81 -17.06 19.52
C LEU C 226 6.79 -18.13 19.07
N SER C 227 6.74 -19.26 19.75
CA SER C 227 5.71 -20.27 19.43
C SER C 227 4.30 -19.73 19.41
N THR C 228 3.94 -18.99 20.45
CA THR C 228 2.59 -18.43 20.55
C THR C 228 2.20 -17.64 19.27
N LYS C 229 3.12 -16.81 18.78
CA LYS C 229 2.77 -15.93 17.65
C LYS C 229 2.77 -16.68 16.32
N VAL C 230 3.68 -17.65 16.17
CA VAL C 230 3.69 -18.58 15.00
C VAL C 230 2.35 -19.39 14.91
N THR C 231 2.01 -20.08 16.02
CA THR C 231 0.74 -20.83 16.14
C THR C 231 -0.48 -19.97 15.91
N ALA C 232 -0.36 -18.66 16.16
CA ALA C 232 -1.50 -17.78 15.95
C ALA C 232 -1.43 -17.18 14.55
N SER C 233 -0.47 -17.62 13.76
CA SER C 233 -0.26 -17.02 12.43
C SER C 233 -0.94 -17.91 11.37
N PRO C 234 -1.28 -17.34 10.17
CA PRO C 234 -2.29 -18.12 9.41
C PRO C 234 -1.87 -19.54 9.00
N LEU C 235 -0.60 -19.77 8.66
CA LEU C 235 -0.23 -21.13 8.33
C LEU C 235 0.30 -21.86 9.56
N GLN C 236 0.37 -21.18 10.70
CA GLN C 236 0.68 -21.84 12.00
C GLN C 236 2.06 -22.44 12.14
N ARG C 237 3.01 -21.91 11.41
CA ARG C 237 4.35 -22.44 11.36
C ARG C 237 5.35 -21.46 10.80
N LEU C 238 6.60 -21.67 11.12
CA LEU C 238 7.67 -20.87 10.51
C LEU C 238 7.85 -21.27 9.03
N GLY C 239 8.31 -20.35 8.19
CA GLY C 239 8.64 -20.75 6.82
C GLY C 239 9.97 -21.46 6.91
N ASN C 240 10.37 -22.18 5.88
CA ASN C 240 11.72 -22.67 5.89
C ASN C 240 12.49 -22.10 4.69
N LYS C 241 13.81 -22.21 4.70
CA LYS C 241 14.66 -21.50 3.79
C LYS C 241 14.43 -22.03 2.35
N THR C 242 14.08 -23.30 2.23
CA THR C 242 13.84 -23.92 0.92
C THR C 242 12.58 -23.36 0.27
N GLU C 243 11.54 -23.13 1.07
CA GLU C 243 10.33 -22.43 0.61
C GLU C 243 10.69 -21.05 0.07
N ILE C 244 11.41 -20.26 0.87
CA ILE C 244 11.85 -18.94 0.39
C ILE C 244 12.68 -19.10 -0.92
N ALA C 245 13.64 -20.05 -0.94
CA ALA C 245 14.40 -20.24 -2.20
C ALA C 245 13.53 -20.55 -3.45
N HIS C 246 12.37 -21.23 -3.26
CA HIS C 246 11.43 -21.52 -4.37
C HIS C 246 10.79 -20.24 -4.96
N SER C 247 10.36 -19.37 -4.07
CA SER C 247 9.77 -18.09 -4.48
C SER C 247 10.80 -17.20 -5.18
N VAL C 248 12.04 -17.21 -4.69
CA VAL C 248 13.14 -16.46 -5.32
C VAL C 248 13.47 -17.04 -6.69
N LEU C 249 13.53 -18.34 -6.74
CA LEU C 249 13.82 -19.05 -8.01
C LEU C 249 12.67 -18.72 -9.00
N TYR C 250 11.43 -18.73 -8.52
CA TYR C 250 10.31 -18.36 -9.41
C TYR C 250 10.64 -16.97 -10.08
N LEU C 251 10.90 -15.97 -9.26
CA LEU C 251 11.04 -14.58 -9.76
C LEU C 251 12.30 -14.42 -10.63
N ALA C 252 13.34 -15.19 -10.30
CA ALA C 252 14.62 -15.11 -11.00
C ALA C 252 14.54 -15.82 -12.36
N SER C 253 13.45 -16.52 -12.65
CA SER C 253 13.42 -17.50 -13.78
C SER C 253 12.51 -17.08 -14.94
N PRO C 254 12.60 -17.75 -16.12
CA PRO C 254 11.68 -17.36 -17.19
C PRO C 254 10.21 -17.59 -16.84
N LEU C 255 9.87 -18.30 -15.75
CA LEU C 255 8.44 -18.40 -15.38
C LEU C 255 7.84 -17.08 -14.97
N ALA C 256 8.70 -16.12 -14.61
CA ALA C 256 8.29 -14.75 -14.21
C ALA C 256 8.67 -13.71 -15.29
N SER C 257 8.58 -14.12 -16.56
CA SER C 257 8.96 -13.28 -17.72
C SER C 257 8.20 -11.95 -17.73
N TYR C 258 7.01 -11.94 -17.14
CA TYR C 258 6.22 -10.73 -17.20
C TYR C 258 6.09 -10.00 -15.83
N VAL C 259 6.90 -10.42 -14.86
CA VAL C 259 6.84 -9.86 -13.53
C VAL C 259 8.04 -8.95 -13.34
N THR C 260 7.77 -7.65 -13.17
CA THR C 260 8.81 -6.69 -12.82
C THR C 260 8.23 -5.55 -12.02
N GLY C 261 9.00 -5.00 -11.07
CA GLY C 261 8.50 -3.88 -10.26
C GLY C 261 7.57 -4.34 -9.13
N ALA C 262 7.49 -5.66 -8.87
CA ALA C 262 6.55 -6.27 -7.94
C ALA C 262 7.23 -6.68 -6.62
N VAL C 263 6.45 -6.76 -5.55
CA VAL C 263 6.98 -7.22 -4.25
C VAL C 263 6.19 -8.46 -3.94
N LEU C 264 6.84 -9.59 -3.83
CA LEU C 264 6.12 -10.81 -3.48
C LEU C 264 6.40 -11.11 -2.01
N VAL C 265 5.34 -11.18 -1.22
CA VAL C 265 5.46 -11.55 0.18
C VAL C 265 5.31 -13.04 0.38
N ALA C 266 6.35 -13.66 0.99
CA ALA C 266 6.34 -15.11 1.20
C ALA C 266 6.48 -15.25 2.72
N ASP C 267 5.39 -15.09 3.46
CA ASP C 267 5.52 -15.03 4.94
C ASP C 267 4.46 -15.85 5.65
N GLY C 268 3.74 -16.70 4.90
CA GLY C 268 2.66 -17.51 5.47
C GLY C 268 1.61 -16.63 6.14
N GLY C 269 1.45 -15.42 5.62
CA GLY C 269 0.57 -14.42 6.23
C GLY C 269 0.98 -13.80 7.59
N ALA C 270 2.22 -14.05 8.06
CA ALA C 270 2.67 -13.57 9.36
C ALA C 270 2.46 -12.08 9.64
N TRP C 271 2.74 -11.22 8.65
CA TRP C 271 2.64 -9.77 8.87
C TRP C 271 1.21 -9.37 9.17
N LEU C 272 0.27 -10.22 8.78
CA LEU C 272 -1.12 -9.85 8.97
C LEU C 272 -1.56 -10.00 10.44
N THR C 273 -0.93 -10.94 11.15
CA THR C 273 -1.32 -11.36 12.51
C THR C 273 -0.22 -11.20 13.55
N PHE C 274 1.06 -11.07 13.21
CA PHE C 274 2.05 -11.03 14.27
C PHE C 274 1.80 -9.85 15.20
N PRO C 275 2.18 -10.00 16.50
CA PRO C 275 1.94 -8.86 17.38
C PRO C 275 2.94 -7.75 17.11
N ASN C 276 2.58 -6.51 17.42
CA ASN C 276 3.52 -5.42 17.37
C ASN C 276 3.57 -4.70 18.73
N ASP D 6 0.02 32.88 -2.01
CA ASP D 6 1.46 32.49 -1.73
C ASP D 6 2.45 33.48 -2.38
N VAL D 7 3.73 33.38 -2.02
CA VAL D 7 4.76 34.22 -2.60
C VAL D 7 5.84 33.29 -3.17
N GLU D 8 6.41 33.60 -4.33
CA GLU D 8 7.40 32.69 -4.96
C GLU D 8 8.71 32.54 -4.20
N GLY D 9 9.21 33.65 -3.66
CA GLY D 9 10.54 33.64 -3.03
C GLY D 9 10.43 33.17 -1.58
N ASP D 10 11.56 33.17 -0.87
CA ASP D 10 11.55 32.84 0.54
C ASP D 10 11.30 34.13 1.32
N ASP D 11 10.10 34.68 1.13
CA ASP D 11 9.62 35.91 1.80
C ASP D 11 8.22 35.64 2.35
N CYS D 12 7.80 36.44 3.30
CA CYS D 12 6.57 36.18 4.04
C CYS D 12 5.39 36.71 3.21
N LEU D 13 4.17 36.24 3.47
CA LEU D 13 2.98 36.69 2.76
C LEU D 13 2.69 38.16 3.07
N PRO D 14 2.18 38.95 2.09
CA PRO D 14 1.90 40.34 2.49
C PRO D 14 0.67 40.43 3.40
N ALA D 15 -0.25 39.46 3.30
CA ALA D 15 -1.48 39.43 4.09
C ALA D 15 -1.91 37.99 4.30
N TYR D 16 -2.70 37.71 5.33
CA TYR D 16 -3.15 36.35 5.56
C TYR D 16 -4.52 36.32 6.26
N ARG D 17 -5.45 35.55 5.70
CA ARG D 17 -6.69 35.30 6.41
C ARG D 17 -6.66 33.97 7.13
N HIS D 18 -7.00 34.03 8.44
CA HIS D 18 -7.08 32.82 9.25
C HIS D 18 -8.25 31.95 8.92
N LEU D 19 -7.99 30.64 8.84
CA LEU D 19 -8.98 29.59 8.72
C LEU D 19 -8.91 28.70 9.99
N PHE D 20 -7.68 28.49 10.49
CA PHE D 20 -7.50 27.99 11.86
C PHE D 20 -7.52 29.23 12.78
N CYS D 21 -7.89 29.05 14.06
CA CYS D 21 -7.80 30.14 15.07
C CYS D 21 -6.34 30.59 15.19
N PRO D 22 -6.13 31.91 15.37
CA PRO D 22 -4.74 32.47 15.48
C PRO D 22 -4.04 32.05 16.76
N ASP D 23 -4.74 31.46 17.71
CA ASP D 23 -4.06 31.02 18.92
C ASP D 23 -3.84 29.48 18.90
N LEU D 24 -4.02 28.86 17.74
CA LEU D 24 -3.90 27.39 17.67
C LEU D 24 -2.60 26.86 18.24
N LEU D 25 -1.43 27.50 17.99
CA LEU D 25 -0.16 27.03 18.59
C LEU D 25 0.45 28.10 19.53
N ARG D 26 -0.42 28.84 20.23
CA ARG D 26 0.00 29.95 21.02
C ARG D 26 1.12 29.55 22.00
N ASP D 27 2.28 30.22 21.86
CA ASP D 27 3.42 30.01 22.78
C ASP D 27 4.08 28.62 22.71
N LYS D 28 3.68 27.81 21.72
CA LYS D 28 4.37 26.52 21.49
C LYS D 28 5.67 26.83 20.74
N VAL D 29 6.54 25.83 20.58
CA VAL D 29 7.86 26.03 19.97
C VAL D 29 8.03 24.90 18.97
N ALA D 30 8.33 25.26 17.72
CA ALA D 30 8.54 24.21 16.73
C ALA D 30 9.94 24.31 16.21
N PHE D 31 10.61 23.17 16.19
CA PHE D 31 11.96 23.05 15.58
C PHE D 31 11.78 22.59 14.13
N ILE D 32 12.25 23.36 13.17
CA ILE D 32 12.00 23.08 11.73
C ILE D 32 13.34 22.92 10.98
N THR D 33 13.72 21.70 10.61
CA THR D 33 14.94 21.53 9.82
C THR D 33 14.58 22.01 8.43
N GLY D 34 15.47 22.75 7.76
CA GLY D 34 15.14 23.26 6.42
C GLY D 34 14.20 24.46 6.44
N GLY D 35 14.03 25.08 7.63
CA GLY D 35 13.06 26.16 7.80
C GLY D 35 13.49 27.51 7.23
N GLY D 36 14.64 27.57 6.54
CA GLY D 36 15.12 28.81 5.88
C GLY D 36 14.83 29.02 4.41
N SER D 37 14.22 28.04 3.73
CA SER D 37 13.86 28.24 2.33
C SER D 37 12.63 27.41 2.00
N GLY D 38 12.00 27.67 0.85
CA GLY D 38 11.03 26.72 0.31
C GLY D 38 9.85 26.45 1.25
N ILE D 39 9.40 25.18 1.26
CA ILE D 39 8.27 24.74 2.05
C ILE D 39 8.52 24.98 3.55
N GLY D 40 9.74 24.73 4.01
CA GLY D 40 10.05 24.87 5.45
C GLY D 40 9.94 26.32 5.89
N PHE D 41 10.39 27.23 5.04
CA PHE D 41 10.12 28.66 5.24
C PHE D 41 8.63 28.99 5.37
N ARG D 42 7.78 28.54 4.45
CA ARG D 42 6.36 28.87 4.60
C ARG D 42 5.70 28.20 5.85
N ILE D 43 6.15 26.97 6.16
CA ILE D 43 5.69 26.27 7.34
C ILE D 43 6.04 27.10 8.56
N ALA D 44 7.31 27.55 8.67
CA ALA D 44 7.64 28.39 9.82
C ALA D 44 6.74 29.63 9.87
N GLU D 45 6.57 30.31 8.74
CA GLU D 45 5.74 31.48 8.74
C GLU D 45 4.30 31.15 9.24
N ILE D 46 3.70 30.12 8.64
CA ILE D 46 2.33 29.83 8.98
C ILE D 46 2.23 29.39 10.45
N PHE D 47 3.18 28.61 10.97
CA PHE D 47 3.18 28.29 12.44
C PHE D 47 3.21 29.59 13.29
N MET D 48 4.10 30.50 12.93
CA MET D 48 4.20 31.76 13.71
C MET D 48 2.91 32.66 13.66
N ARG D 49 2.24 32.70 12.51
CA ARG D 49 0.94 33.38 12.41
C ARG D 49 -0.14 32.72 13.27
N HIS D 50 0.12 31.50 13.79
CA HIS D 50 -0.77 30.90 14.79
C HIS D 50 -0.17 30.87 16.15
N GLY D 51 0.79 31.75 16.40
CA GLY D 51 1.23 32.05 17.79
C GLY D 51 2.44 31.22 18.20
N CYS D 52 2.98 30.38 17.30
CA CYS D 52 4.10 29.48 17.59
C CYS D 52 5.43 30.24 17.41
N HIS D 53 6.40 30.02 18.28
CA HIS D 53 7.77 30.41 18.06
C HIS D 53 8.51 29.33 17.27
N THR D 54 9.47 29.69 16.45
CA THR D 54 10.20 28.65 15.71
C THR D 54 11.69 28.62 15.94
N VAL D 55 12.28 27.43 15.80
CA VAL D 55 13.71 27.34 15.60
C VAL D 55 13.89 26.77 14.20
N ILE D 56 14.66 27.46 13.35
CA ILE D 56 14.92 27.01 11.99
C ILE D 56 16.38 26.62 11.86
N ALA D 57 16.65 25.43 11.34
CA ALA D 57 17.98 24.87 11.37
C ALA D 57 18.33 24.19 10.07
N SER D 58 19.48 24.60 9.53
CA SER D 58 20.01 24.01 8.30
C SER D 58 21.51 24.33 8.25
N ARG D 59 22.20 23.88 7.21
CA ARG D 59 23.66 24.04 7.15
C ARG D 59 24.11 25.49 7.07
N SER D 60 23.39 26.26 6.24
CA SER D 60 23.78 27.60 5.91
C SER D 60 23.34 28.66 6.93
N LEU D 61 24.32 29.14 7.66
CA LEU D 61 24.09 30.13 8.67
C LEU D 61 23.52 31.39 8.02
N PRO D 62 24.13 31.88 6.89
CA PRO D 62 23.46 33.08 6.39
C PRO D 62 22.01 32.86 5.96
N ARG D 63 21.70 31.71 5.39
CA ARG D 63 20.34 31.48 4.99
C ARG D 63 19.37 31.55 6.20
N VAL D 64 19.67 30.86 7.30
CA VAL D 64 18.72 30.88 8.46
C VAL D 64 18.63 32.29 9.09
N LEU D 65 19.78 32.99 9.22
CA LEU D 65 19.80 34.38 9.74
C LEU D 65 18.91 35.30 8.93
N THR D 66 19.06 35.27 7.61
CA THR D 66 18.14 36.04 6.75
C THR D 66 16.65 35.66 6.96
N ALA D 67 16.37 34.35 6.88
CA ALA D 67 14.98 33.89 7.06
C ALA D 67 14.41 34.30 8.39
N ALA D 68 15.18 34.13 9.48
CA ALA D 68 14.72 34.44 10.83
C ALA D 68 14.28 35.90 10.99
N ARG D 69 15.00 36.84 10.38
CA ARG D 69 14.66 38.26 10.42
C ARG D 69 13.38 38.58 9.70
N LYS D 70 13.15 37.94 8.55
CA LYS D 70 11.90 38.07 7.83
C LYS D 70 10.71 37.46 8.59
N LEU D 71 10.88 36.24 9.10
CA LEU D 71 9.78 35.56 9.87
C LEU D 71 9.34 36.33 11.15
N ALA D 72 10.33 36.74 11.95
CA ALA D 72 10.06 37.53 13.15
C ALA D 72 9.44 38.87 12.76
N GLY D 73 10.01 39.53 11.75
CA GLY D 73 9.46 40.81 11.23
C GLY D 73 8.00 40.70 10.80
N ALA D 74 7.67 39.75 9.93
CA ALA D 74 6.28 39.60 9.44
C ALA D 74 5.27 39.19 10.52
N THR D 75 5.69 38.58 11.62
CA THR D 75 4.70 37.89 12.50
C THR D 75 4.74 38.35 13.98
N GLY D 76 5.86 38.94 14.39
CA GLY D 76 6.07 39.32 15.76
C GLY D 76 6.35 38.15 16.70
N ARG D 77 6.47 36.89 16.21
CA ARG D 77 6.99 35.84 17.11
C ARG D 77 8.46 35.72 16.95
N ARG D 78 9.04 34.83 17.75
CA ARG D 78 10.48 34.66 17.81
C ARG D 78 10.89 33.57 16.82
N CYS D 79 11.99 33.78 16.13
CA CYS D 79 12.56 32.73 15.30
C CYS D 79 14.05 32.61 15.62
N LEU D 80 14.48 31.50 16.18
CA LEU D 80 15.88 31.24 16.47
C LEU D 80 16.56 30.53 15.27
N PRO D 81 17.42 31.26 14.51
CA PRO D 81 18.18 30.60 13.43
C PRO D 81 19.41 29.81 13.93
N LEU D 82 19.57 28.56 13.49
CA LEU D 82 20.77 27.77 13.86
C LEU D 82 21.40 27.05 12.65
N SER D 83 22.73 27.00 12.61
CA SER D 83 23.46 26.23 11.61
C SER D 83 23.70 24.80 12.13
N MET D 84 23.21 23.77 11.41
CA MET D 84 23.44 22.36 11.81
C MET D 84 23.14 21.43 10.64
N ASP D 85 24.02 20.47 10.42
CA ASP D 85 23.81 19.49 9.37
C ASP D 85 23.13 18.33 10.08
N VAL D 86 22.02 17.86 9.50
CA VAL D 86 21.19 16.78 10.10
C VAL D 86 21.96 15.45 10.17
N ARG D 87 23.04 15.34 9.38
CA ARG D 87 23.93 14.17 9.39
C ARG D 87 24.96 14.23 10.51
N ALA D 88 25.06 15.36 11.22
CA ALA D 88 26.10 15.48 12.30
C ALA D 88 25.45 15.48 13.69
N PRO D 89 25.34 14.30 14.32
CA PRO D 89 24.62 14.24 15.61
C PRO D 89 25.12 15.27 16.71
N PRO D 90 26.44 15.55 16.79
CA PRO D 90 26.86 16.50 17.83
C PRO D 90 26.32 17.90 17.54
N ALA D 91 26.25 18.29 16.26
CA ALA D 91 25.66 19.59 15.88
C ALA D 91 24.15 19.65 16.13
N VAL D 92 23.48 18.51 15.91
CA VAL D 92 22.06 18.44 16.19
C VAL D 92 21.81 18.60 17.66
N MET D 93 22.57 17.86 18.46
CA MET D 93 22.54 18.00 19.91
C MET D 93 22.79 19.44 20.38
N ALA D 94 23.91 20.02 19.96
CA ALA D 94 24.16 21.45 20.23
C ALA D 94 22.97 22.35 19.84
N ALA D 95 22.40 22.21 18.62
CA ALA D 95 21.17 22.99 18.23
C ALA D 95 19.97 22.79 19.18
N VAL D 96 19.64 21.55 19.49
CA VAL D 96 18.50 21.28 20.37
C VAL D 96 18.79 21.82 21.81
N ASP D 97 20.05 21.74 22.25
CA ASP D 97 20.38 22.28 23.56
C ASP D 97 20.11 23.78 23.58
N GLN D 98 20.60 24.45 22.55
CA GLN D 98 20.38 25.87 22.38
C GLN D 98 18.92 26.32 22.34
N ALA D 99 18.12 25.61 21.55
CA ALA D 99 16.67 25.82 21.50
C ALA D 99 16.04 25.65 22.90
N LEU D 100 16.41 24.58 23.58
CA LEU D 100 15.86 24.37 24.93
C LEU D 100 16.24 25.53 25.86
N LYS D 101 17.47 26.02 25.72
CA LYS D 101 17.93 27.06 26.60
C LYS D 101 17.22 28.35 26.29
N GLU D 102 17.09 28.71 25.01
CA GLU D 102 16.34 29.92 24.63
C GLU D 102 14.86 29.90 24.99
N PHE D 103 14.20 28.76 24.77
CA PHE D 103 12.75 28.74 24.82
C PHE D 103 12.18 27.92 25.95
N GLY D 104 12.94 26.98 26.46
CA GLY D 104 12.50 26.20 27.62
C GLY D 104 11.71 24.94 27.30
N ARG D 105 11.34 24.76 26.05
CA ARG D 105 10.40 23.73 25.65
C ARG D 105 10.57 23.56 24.14
N ILE D 106 10.30 22.38 23.61
CA ILE D 106 10.04 22.26 22.15
C ILE D 106 8.80 21.38 22.10
N ASP D 107 7.80 21.78 21.30
CA ASP D 107 6.52 21.03 21.23
C ASP D 107 6.39 20.21 19.91
N ILE D 108 7.05 20.68 18.86
CA ILE D 108 6.82 20.13 17.53
C ILE D 108 8.15 20.10 16.78
N LEU D 109 8.41 18.98 16.11
CA LEU D 109 9.56 18.88 15.22
C LEU D 109 8.99 18.69 13.80
N ILE D 110 9.46 19.49 12.88
CA ILE D 110 9.11 19.29 11.47
C ILE D 110 10.42 18.90 10.74
N ASN D 111 10.48 17.67 10.21
CA ASN D 111 11.72 17.23 9.55
C ASN D 111 11.50 17.50 8.07
N CYS D 112 11.98 18.66 7.60
CA CYS D 112 11.74 19.15 6.24
C CYS D 112 13.03 19.17 5.42
N ALA D 113 14.20 19.07 6.06
CA ALA D 113 15.48 19.06 5.35
C ALA D 113 15.61 17.84 4.44
N ALA D 114 16.15 18.09 3.25
CA ALA D 114 16.26 17.03 2.24
C ALA D 114 17.17 17.52 1.11
N GLY D 115 17.61 16.59 0.26
CA GLY D 115 18.30 16.99 -0.94
C GLY D 115 17.87 16.14 -2.11
N ASN D 116 17.81 16.76 -3.30
CA ASN D 116 17.32 16.05 -4.46
C ASN D 116 17.85 16.70 -5.72
N PHE D 117 17.86 15.90 -6.81
CA PHE D 117 18.35 16.31 -8.13
C PHE D 117 17.92 15.18 -9.09
N LEU D 118 17.77 15.50 -10.38
CA LEU D 118 17.41 14.46 -11.34
C LEU D 118 18.67 13.70 -11.80
N CYS D 119 18.57 12.39 -11.90
CA CYS D 119 19.66 11.57 -12.41
C CYS D 119 19.25 10.13 -12.66
N PRO D 120 19.57 9.61 -13.85
CA PRO D 120 19.35 8.21 -14.20
C PRO D 120 20.07 7.31 -13.22
N ALA D 121 19.40 6.24 -12.76
CA ALA D 121 20.03 5.35 -11.73
C ALA D 121 21.33 4.76 -12.26
N GLY D 122 21.39 4.47 -13.56
CA GLY D 122 22.60 3.93 -14.15
C GLY D 122 23.76 4.90 -14.10
N ALA D 123 23.48 6.18 -13.90
CA ALA D 123 24.51 7.24 -13.91
C ALA D 123 24.80 7.83 -12.51
N LEU D 124 23.98 7.47 -11.54
CA LEU D 124 24.10 7.97 -10.19
C LEU D 124 25.29 7.25 -9.48
N SER D 125 26.22 8.02 -8.88
CA SER D 125 27.34 7.38 -8.23
C SER D 125 26.88 6.76 -6.89
N PHE D 126 27.64 5.80 -6.39
CA PHE D 126 27.45 5.28 -5.04
C PHE D 126 27.33 6.39 -3.98
N ASN D 127 28.24 7.37 -4.03
CA ASN D 127 28.22 8.51 -3.11
C ASN D 127 27.01 9.38 -3.25
N ALA D 128 26.57 9.62 -4.49
CA ALA D 128 25.40 10.40 -4.74
C ALA D 128 24.18 9.72 -4.09
N PHE D 129 24.06 8.41 -4.28
CA PHE D 129 22.89 7.69 -3.76
C PHE D 129 22.93 7.79 -2.24
N LYS D 130 24.09 7.47 -1.70
CA LYS D 130 24.23 7.44 -0.27
C LYS D 130 24.06 8.84 0.39
N THR D 131 24.44 9.91 -0.31
CA THR D 131 24.31 11.28 0.21
C THR D 131 22.82 11.65 0.52
N VAL D 132 21.93 11.29 -0.38
CA VAL D 132 20.50 11.49 -0.23
C VAL D 132 19.91 10.66 0.89
N MET D 133 20.31 9.38 0.98
CA MET D 133 19.84 8.55 2.06
CA MET D 133 19.90 8.51 2.09
C MET D 133 20.30 9.12 3.41
N ASP D 134 21.56 9.62 3.44
CA ASP D 134 22.10 10.19 4.69
C ASP D 134 21.30 11.43 5.11
N ILE D 135 20.99 12.30 4.15
CA ILE D 135 20.37 13.56 4.50
C ILE D 135 18.91 13.29 4.85
N ASP D 136 18.19 12.60 3.98
CA ASP D 136 16.73 12.44 4.19
C ASP D 136 16.44 11.48 5.29
N THR D 137 17.09 10.30 5.24
CA THR D 137 16.66 9.21 6.10
C THR D 137 17.40 9.24 7.43
N SER D 138 18.72 9.13 7.38
CA SER D 138 19.51 9.20 8.62
C SER D 138 19.37 10.52 9.33
N GLY D 139 19.25 11.61 8.55
CA GLY D 139 19.11 12.97 9.09
C GLY D 139 17.79 13.10 9.84
N THR D 140 16.72 12.52 9.25
CA THR D 140 15.41 12.52 9.95
C THR D 140 15.44 11.67 11.21
N PHE D 141 16.11 10.53 11.13
CA PHE D 141 16.25 9.71 12.30
C PHE D 141 17.05 10.48 13.38
N ASN D 142 18.20 11.00 12.97
CA ASN D 142 19.10 11.76 13.86
C ASN D 142 18.38 12.84 14.65
N VAL D 143 17.62 13.71 13.97
CA VAL D 143 16.96 14.84 14.63
C VAL D 143 15.81 14.31 15.52
N SER D 144 15.05 13.33 15.02
CA SER D 144 14.00 12.77 15.84
C SER D 144 14.62 12.12 17.10
N ARG D 145 15.66 11.33 16.88
CA ARG D 145 16.35 10.62 17.97
C ARG D 145 16.89 11.60 19.02
N VAL D 146 17.44 12.73 18.59
CA VAL D 146 17.95 13.73 19.56
C VAL D 146 16.80 14.45 20.32
N LEU D 147 15.74 14.82 19.61
CA LEU D 147 14.58 15.44 20.26
C LEU D 147 13.98 14.54 21.37
N TYR D 148 13.90 13.25 21.05
CA TYR D 148 13.26 12.25 21.87
C TYR D 148 13.99 12.27 23.21
N GLU D 149 15.29 12.10 23.11
CA GLU D 149 16.20 12.05 24.21
C GLU D 149 16.28 13.37 25.05
N LYS D 150 16.34 14.51 24.38
CA LYS D 150 16.51 15.79 25.02
C LYS D 150 15.18 16.40 25.57
N PHE D 151 14.03 15.94 25.13
CA PHE D 151 12.76 16.54 25.50
C PHE D 151 11.47 15.74 25.33
N PHE D 152 11.27 15.12 24.17
CA PHE D 152 9.98 14.47 23.81
C PHE D 152 9.76 13.20 24.65
N ARG D 153 10.83 12.45 24.92
CA ARG D 153 10.67 11.24 25.78
C ARG D 153 9.93 11.64 27.08
N ASP D 154 10.34 12.75 27.68
CA ASP D 154 9.78 13.14 28.96
C ASP D 154 8.59 14.09 28.91
N HIS D 155 8.37 14.77 27.79
CA HIS D 155 7.30 15.75 27.78
C HIS D 155 6.21 15.50 26.77
N GLY D 156 6.32 14.43 26.00
CA GLY D 156 5.47 14.28 24.81
C GLY D 156 5.95 15.23 23.69
N GLY D 157 5.27 15.19 22.56
CA GLY D 157 5.64 16.05 21.43
C GLY D 157 4.98 15.57 20.17
N VAL D 158 5.18 16.31 19.06
CA VAL D 158 4.58 15.90 17.83
C VAL D 158 5.65 16.02 16.76
N ILE D 159 5.71 15.04 15.85
CA ILE D 159 6.64 15.09 14.71
C ILE D 159 5.87 15.07 13.41
N VAL D 160 6.24 15.94 12.46
CA VAL D 160 5.80 15.73 11.08
C VAL D 160 7.07 15.56 10.21
N ASN D 161 7.07 14.47 9.44
CA ASN D 161 8.12 14.18 8.43
C ASN D 161 7.62 14.64 7.08
N ILE D 162 8.39 15.47 6.38
CA ILE D 162 7.94 15.89 5.08
C ILE D 162 8.56 14.85 4.08
N THR D 163 7.70 14.13 3.41
CA THR D 163 8.11 13.07 2.55
C THR D 163 7.78 13.36 1.08
N ALA D 164 7.30 12.39 0.33
CA ALA D 164 7.07 12.52 -1.11
C ALA D 164 6.33 11.26 -1.56
N THR D 165 5.89 11.27 -2.81
CA THR D 165 5.18 10.15 -3.39
C THR D 165 6.05 9.44 -4.46
N LEU D 166 7.33 9.81 -4.59
CA LEU D 166 8.18 9.30 -5.69
C LEU D 166 8.29 7.79 -5.66
N GLY D 167 8.37 7.22 -4.45
CA GLY D 167 8.68 5.79 -4.34
C GLY D 167 7.47 4.94 -4.77
N ASN D 168 6.27 5.54 -4.86
CA ASN D 168 5.01 4.79 -5.12
C ASN D 168 5.03 4.08 -6.44
N ARG D 169 5.42 4.82 -7.49
CA ARG D 169 5.44 4.28 -8.81
C ARG D 169 6.87 4.19 -9.35
N GLY D 170 7.90 4.49 -8.53
CA GLY D 170 9.28 4.37 -8.99
C GLY D 170 9.57 5.44 -10.04
N GLN D 171 9.28 6.70 -9.69
CA GLN D 171 9.50 7.85 -10.56
C GLN D 171 10.90 7.86 -11.14
N ALA D 172 11.00 7.86 -12.46
CA ALA D 172 12.27 7.83 -13.17
C ALA D 172 13.13 8.95 -12.70
N LEU D 173 14.45 8.74 -12.70
CA LEU D 173 15.45 9.79 -12.37
C LEU D 173 15.50 10.14 -10.86
N GLN D 174 14.83 9.33 -10.06
CA GLN D 174 14.61 9.67 -8.65
C GLN D 174 14.85 8.48 -7.72
N VAL D 175 15.68 7.51 -8.12
CA VAL D 175 15.81 6.28 -7.28
C VAL D 175 16.27 6.64 -5.83
N HIS D 176 17.17 7.60 -5.75
CA HIS D 176 17.71 8.08 -4.48
C HIS D 176 16.66 8.72 -3.58
N ALA D 177 15.92 9.70 -4.12
CA ALA D 177 14.92 10.41 -3.32
C ALA D 177 13.71 9.49 -3.01
N GLY D 178 13.24 8.71 -3.99
CA GLY D 178 12.11 7.85 -3.73
C GLY D 178 12.44 6.80 -2.66
N SER D 179 13.62 6.24 -2.73
CA SER D 179 14.03 5.25 -1.74
C SER D 179 14.12 5.84 -0.34
N ALA D 180 14.77 6.99 -0.21
CA ALA D 180 15.00 7.67 1.08
C ALA D 180 13.67 8.10 1.68
N LYS D 181 12.81 8.62 0.84
CA LYS D 181 11.51 9.10 1.32
C LYS D 181 10.58 7.93 1.72
N ALA D 182 10.64 6.82 0.96
CA ALA D 182 9.88 5.63 1.37
C ALA D 182 10.42 5.11 2.71
N ALA D 183 11.74 5.16 2.90
CA ALA D 183 12.31 4.82 4.19
C ALA D 183 11.72 5.73 5.33
N VAL D 184 11.60 7.03 5.08
CA VAL D 184 11.08 7.94 6.11
C VAL D 184 9.60 7.64 6.40
N ASP D 185 8.83 7.25 5.39
CA ASP D 185 7.40 6.88 5.67
C ASP D 185 7.27 5.65 6.57
N ALA D 186 8.10 4.65 6.32
CA ALA D 186 8.17 3.49 7.23
C ALA D 186 8.65 3.96 8.60
N MET D 187 9.66 4.81 8.61
CA MET D 187 10.16 5.32 9.89
C MET D 187 9.04 5.97 10.70
N THR D 188 8.13 6.64 10.02
CA THR D 188 6.96 7.27 10.63
C THR D 188 6.11 6.27 11.39
N ARG D 189 5.86 5.10 10.80
CA ARG D 189 5.09 4.09 11.47
C ARG D 189 5.86 3.49 12.66
N HIS D 190 7.14 3.18 12.51
CA HIS D 190 7.98 2.64 13.56
C HIS D 190 8.05 3.52 14.77
N LEU D 191 8.24 4.80 14.59
CA LEU D 191 8.30 5.75 15.72
C LEU D 191 6.92 6.02 16.36
N ALA D 192 5.90 6.00 15.52
CA ALA D 192 4.54 6.17 15.98
C ALA D 192 4.21 5.04 16.94
N VAL D 193 4.60 3.83 16.59
CA VAL D 193 4.39 2.65 17.47
C VAL D 193 5.24 2.74 18.74
N GLU D 194 6.54 3.01 18.64
CA GLU D 194 7.37 2.99 19.84
C GLU D 194 7.12 4.15 20.79
N TRP D 195 6.78 5.32 20.24
CA TRP D 195 6.79 6.54 21.04
C TRP D 195 5.46 7.06 21.39
N GLY D 196 4.41 6.53 20.79
CA GLY D 196 3.07 6.92 21.15
C GLY D 196 2.86 6.80 22.66
N PRO D 197 3.40 5.73 23.29
CA PRO D 197 3.18 5.63 24.72
C PRO D 197 3.90 6.70 25.55
N GLN D 198 4.92 7.36 25.00
CA GLN D 198 5.45 8.64 25.58
C GLN D 198 4.64 9.86 25.19
N ASN D 199 3.42 9.69 24.67
CA ASN D 199 2.64 10.87 24.23
C ASN D 199 3.32 11.61 23.03
N ILE D 200 3.95 10.87 22.14
CA ILE D 200 4.52 11.49 20.91
C ILE D 200 3.76 11.00 19.68
N ARG D 201 3.22 11.89 18.89
CA ARG D 201 2.65 11.53 17.60
C ARG D 201 3.65 11.75 16.46
N VAL D 202 3.57 10.94 15.43
CA VAL D 202 4.55 10.97 14.31
C VAL D 202 3.74 10.70 13.05
N ASN D 203 3.70 11.68 12.11
CA ASN D 203 3.02 11.46 10.85
C ASN D 203 3.91 11.96 9.71
N SER D 204 3.60 11.54 8.48
CA SER D 204 4.25 12.07 7.29
C SER D 204 3.23 12.92 6.51
N LEU D 205 3.73 13.90 5.82
CA LEU D 205 3.02 14.69 4.87
C LEU D 205 3.80 14.70 3.59
N ALA D 206 3.22 14.25 2.49
CA ALA D 206 3.87 14.06 1.22
C ALA D 206 3.32 15.11 0.27
N PRO D 207 4.10 16.13 -0.02
CA PRO D 207 3.62 17.17 -0.91
C PRO D 207 3.65 16.68 -2.39
N GLY D 208 2.80 17.26 -3.22
CA GLY D 208 2.96 17.19 -4.70
C GLY D 208 3.94 18.25 -5.26
N PRO D 209 3.75 18.66 -6.53
CA PRO D 209 4.66 19.66 -7.07
C PRO D 209 4.29 21.05 -6.61
N ILE D 210 5.22 21.74 -5.94
CA ILE D 210 4.91 23.02 -5.29
C ILE D 210 5.67 24.19 -5.96
N SER D 211 4.93 25.19 -6.47
CA SER D 211 5.52 26.44 -7.01
C SER D 211 6.30 27.22 -5.95
N GLY D 212 7.32 27.94 -6.42
CA GLY D 212 8.21 28.76 -5.58
C GLY D 212 9.16 28.00 -4.67
N THR D 213 9.62 26.82 -5.10
CA THR D 213 10.47 25.98 -4.25
C THR D 213 11.67 25.53 -5.09
N GLU D 214 12.79 25.30 -4.44
CA GLU D 214 13.97 24.72 -5.07
C GLU D 214 13.65 23.36 -5.71
N GLY D 215 12.81 22.59 -5.03
CA GLY D 215 12.38 21.29 -5.54
C GLY D 215 11.77 21.35 -6.93
N LEU D 216 10.84 22.26 -7.12
CA LEU D 216 10.25 22.41 -8.45
C LEU D 216 11.24 23.00 -9.47
N ARG D 217 12.04 23.99 -9.08
CA ARG D 217 12.99 24.61 -10.01
C ARG D 217 13.96 23.53 -10.50
N ARG D 218 14.35 22.61 -9.61
CA ARG D 218 15.38 21.62 -9.90
C ARG D 218 14.89 20.45 -10.60
N LEU D 219 13.66 20.06 -10.30
CA LEU D 219 13.15 18.75 -10.66
C LEU D 219 11.96 18.89 -11.59
N GLY D 220 11.43 20.08 -11.72
CA GLY D 220 10.22 20.26 -12.51
C GLY D 220 10.40 20.02 -14.01
N GLY D 221 11.63 20.18 -14.48
CA GLY D 221 11.94 20.17 -15.91
C GLY D 221 11.52 21.40 -16.69
N PRO D 222 11.58 21.32 -18.03
CA PRO D 222 11.20 22.46 -18.86
C PRO D 222 9.78 22.93 -18.53
N GLN D 223 9.52 24.20 -18.80
CA GLN D 223 8.20 24.80 -18.68
C GLN D 223 7.06 24.11 -19.48
N ALA D 224 7.30 23.80 -20.76
CA ALA D 224 6.21 23.34 -21.61
C ALA D 224 5.79 21.94 -21.17
N SER D 225 6.77 21.04 -20.94
CA SER D 225 6.44 19.67 -20.49
C SER D 225 5.77 19.67 -19.09
N LEU D 226 6.17 20.57 -18.21
CA LEU D 226 5.53 20.71 -16.89
C LEU D 226 4.07 21.18 -16.96
N SER D 227 3.76 22.24 -17.72
CA SER D 227 2.35 22.70 -17.83
C SER D 227 1.42 21.58 -18.25
N THR D 228 1.88 20.77 -19.22
CA THR D 228 1.08 19.69 -19.80
C THR D 228 0.76 18.66 -18.73
N LYS D 229 1.75 18.28 -17.91
CA LYS D 229 1.47 17.30 -16.90
C LYS D 229 0.61 17.94 -15.75
N VAL D 230 0.85 19.22 -15.46
CA VAL D 230 0.07 19.91 -14.43
C VAL D 230 -1.40 20.03 -14.89
N THR D 231 -1.61 20.45 -16.14
CA THR D 231 -2.97 20.52 -16.70
C THR D 231 -3.69 19.18 -16.78
N ALA D 232 -2.96 18.12 -17.08
CA ALA D 232 -3.60 16.81 -17.09
C ALA D 232 -3.78 16.20 -15.67
N SER D 233 -3.23 16.84 -14.60
CA SER D 233 -3.43 16.38 -13.17
C SER D 233 -4.80 16.80 -12.56
N PRO D 234 -5.28 16.11 -11.49
CA PRO D 234 -6.71 16.26 -11.19
C PRO D 234 -7.20 17.67 -10.83
N LEU D 235 -6.39 18.45 -10.13
CA LEU D 235 -6.82 19.81 -9.81
C LEU D 235 -6.21 20.75 -10.81
N GLN D 236 -5.40 20.25 -11.74
CA GLN D 236 -5.00 21.05 -12.86
C GLN D 236 -4.10 22.24 -12.54
N ARG D 237 -3.35 22.20 -11.45
CA ARG D 237 -2.45 23.26 -11.06
C ARG D 237 -1.36 22.78 -10.12
N LEU D 238 -0.35 23.59 -9.97
CA LEU D 238 0.69 23.29 -8.97
C LEU D 238 0.08 23.56 -7.59
N GLY D 239 0.57 22.93 -6.54
CA GLY D 239 0.17 23.32 -5.17
C GLY D 239 1.04 24.51 -4.75
N ASN D 240 0.71 25.18 -3.67
CA ASN D 240 1.58 26.27 -3.25
C ASN D 240 2.04 26.04 -1.81
N LYS D 241 3.01 26.80 -1.37
CA LYS D 241 3.65 26.62 -0.11
C LYS D 241 2.69 26.78 1.07
N THR D 242 1.76 27.68 0.98
CA THR D 242 0.82 27.93 2.06
C THR D 242 -0.10 26.72 2.27
N GLU D 243 -0.54 26.11 1.18
CA GLU D 243 -1.43 24.99 1.25
C GLU D 243 -0.77 23.83 1.93
N ILE D 244 0.48 23.56 1.54
CA ILE D 244 1.26 22.54 2.22
C ILE D 244 1.41 22.91 3.69
N ALA D 245 1.74 24.18 4.03
CA ALA D 245 1.94 24.53 5.43
C ALA D 245 0.61 24.30 6.25
N HIS D 246 -0.54 24.53 5.62
CA HIS D 246 -1.87 24.27 6.27
C HIS D 246 -2.03 22.81 6.68
N SER D 247 -1.66 21.89 5.78
CA SER D 247 -1.71 20.46 6.07
C SER D 247 -0.72 20.05 7.15
N VAL D 248 0.49 20.57 7.04
CA VAL D 248 1.48 20.30 8.07
C VAL D 248 0.98 20.91 9.37
N LEU D 249 0.39 22.10 9.32
CA LEU D 249 -0.07 22.73 10.59
C LEU D 249 -1.18 21.83 11.21
N TYR D 250 -2.08 21.34 10.35
CA TYR D 250 -3.12 20.45 10.85
C TYR D 250 -2.54 19.27 11.68
N LEU D 251 -1.66 18.51 11.06
CA LEU D 251 -1.01 17.33 11.62
C LEU D 251 -0.22 17.64 12.90
N ALA D 252 0.36 18.83 13.00
CA ALA D 252 1.19 19.22 14.17
C ALA D 252 0.33 19.78 15.34
N SER D 253 -0.99 19.88 15.14
CA SER D 253 -1.83 20.65 16.05
C SER D 253 -2.71 19.69 16.84
N PRO D 254 -3.35 20.19 17.92
CA PRO D 254 -4.26 19.30 18.71
C PRO D 254 -5.49 18.91 17.89
N LEU D 255 -5.73 19.55 16.76
CA LEU D 255 -6.80 19.06 15.87
C LEU D 255 -6.49 17.67 15.27
N ALA D 256 -5.23 17.24 15.26
CA ALA D 256 -4.88 15.87 14.82
C ALA D 256 -4.54 15.02 16.03
N SER D 257 -5.21 15.26 17.17
CA SER D 257 -4.96 14.52 18.45
C SER D 257 -4.99 12.99 18.32
N TYR D 258 -5.78 12.50 17.38
CA TYR D 258 -5.90 11.07 17.28
C TYR D 258 -5.20 10.49 16.03
N VAL D 259 -4.31 11.29 15.42
CA VAL D 259 -3.69 10.91 14.16
C VAL D 259 -2.25 10.64 14.48
N THR D 260 -1.84 9.39 14.34
CA THR D 260 -0.40 9.02 14.43
C THR D 260 -0.11 7.77 13.58
N GLY D 261 1.09 7.74 13.00
CA GLY D 261 1.47 6.62 12.16
C GLY D 261 0.88 6.79 10.76
N ALA D 262 0.31 7.96 10.46
CA ALA D 262 -0.34 8.19 9.13
C ALA D 262 0.61 8.86 8.13
N VAL D 263 0.39 8.62 6.83
CA VAL D 263 1.01 9.41 5.77
C VAL D 263 -0.15 10.13 5.05
N LEU D 264 -0.18 11.45 5.17
CA LEU D 264 -1.17 12.25 4.49
C LEU D 264 -0.58 12.77 3.16
N VAL D 265 -1.22 12.44 2.07
CA VAL D 265 -0.73 12.95 0.77
C VAL D 265 -1.46 14.26 0.41
N ALA D 266 -0.70 15.32 0.13
CA ALA D 266 -1.29 16.61 -0.29
C ALA D 266 -0.64 16.97 -1.59
N ASP D 267 -1.15 16.43 -2.69
CA ASP D 267 -0.49 16.60 -3.96
C ASP D 267 -1.49 16.96 -5.08
N GLY D 268 -2.75 17.24 -4.75
CA GLY D 268 -3.71 17.52 -5.84
C GLY D 268 -3.94 16.32 -6.75
N GLY D 269 -3.62 15.13 -6.23
CA GLY D 269 -3.78 13.86 -6.97
C GLY D 269 -2.70 13.68 -8.02
N ALA D 270 -1.63 14.46 -7.95
CA ALA D 270 -0.58 14.41 -8.97
C ALA D 270 -0.01 12.99 -9.14
N TRP D 271 0.26 12.29 -8.02
CA TRP D 271 0.95 11.01 -8.18
C TRP D 271 0.05 10.02 -8.92
N LEU D 272 -1.26 10.24 -8.88
CA LEU D 272 -2.19 9.41 -9.66
C LEU D 272 -2.10 9.52 -11.19
N THR D 273 -1.72 10.68 -11.71
CA THR D 273 -1.77 10.92 -13.13
C THR D 273 -0.42 11.32 -13.71
N PHE D 274 0.55 11.81 -12.91
CA PHE D 274 1.79 12.31 -13.57
C PHE D 274 2.51 11.23 -14.40
N PRO D 275 3.10 11.62 -15.55
CA PRO D 275 3.88 10.69 -16.39
C PRO D 275 5.06 10.05 -15.62
N ASN D 276 5.42 8.84 -16.03
CA ASN D 276 6.59 8.15 -15.55
C ASN D 276 7.18 7.26 -16.64
N GLY D 277 8.47 7.35 -16.87
CA GLY D 277 9.20 6.46 -17.80
C GLY D 277 10.13 7.29 -18.66
#